data_7G7D
#
_entry.id   7G7D
#
_cell.length_a   83.702
_cell.length_b   91.424
_cell.length_c   118.999
_cell.angle_alpha   90.000
_cell.angle_beta   90.000
_cell.angle_gamma   90.000
#
_symmetry.space_group_name_H-M   'P 21 21 21'
#
loop_
_entity.id
_entity.type
_entity.pdbx_description
1 polymer 'Isoform 2 of Ectonucleotide pyrophosphatase/phosphodiesterase family member 2'
2 branched alpha-D-mannopyranose-(1-2)-alpha-D-mannopyranose-(1-3)-alpha-D-mannopyranose-(1-6)-[alpha-D-mannopyranose-(1-2)-alpha-D-mannopyranose-(1-3)]beta-D-mannopyranose-(1-4)-2-acetamido-2-deoxy-beta-D-glucopyranose-(1-4)-2-acetamido-2-deoxy-beta-D-glucopyranose
3 non-polymer 5-{3-[(3aR,8aS)-6-{2-cyclopropyl-6-[(oxan-4-yl)methoxy]pyridine-4-carbonyl}octahydropyrrolo[3,4-d]azepin-2(1H)-yl]-3-oxopropyl}-1,3-oxazol-2(3H)-one
4 non-polymer 'CHLORIDE ION'
5 non-polymer 'ACETATE ION'
6 non-polymer 'POTASSIUM ION'
7 non-polymer 'SODIUM ION'
8 non-polymer 'ZINC ION'
9 non-polymer 'CALCIUM ION'
10 water water
#
_entity_poly.entity_id   1
_entity_poly.type   'polypeptide(L)'
_entity_poly.pdbx_seq_one_letter_code
;FTASRIKRAEWDEGPPTVLSDSPWTATSGSCKGRCFELQEVGPPDCRCDNLCKSYSSCCHDFDELCLKTARGWECTKDRC
GEVRNEENACHCSEDCLSRGDCCTNYQVVCKGESHWVDDDCEEIKVPECPAGFVRPPLIIFSVDGFRASYMKKGSKVMPN
IEKLRSCGTHAPYMRPVYPTKTFPNLYTLATGLYPESHGIVGNSMYDPVFDASFHLRGREKFNHRWWGGQPLWITATKQG
VRAGTFFWSVSIPHERRILTILQWLSLPDNERPSVYAFYSEQPDFSGHKYGPFGPEMTNPLREIDKTVGQLMDGLKQLRL
HRCVNVIFVGDHGMEDVTCDRTEFLSNYLTNVDDITLVPGTLGRIRAKSINNSKYDPKTIIAALTCKKPDQHFKPYMKQH
LPKRLHYANNRRIEDIHLLVDRRWHVARKPLDVYKKPSGKCFFQGDHGFDNKVNSMQTVFVGYGPTFKYRTKVPPFENIE
LYNVMCDLLGLKPAPNNGTHGSLNHLLRTNTFRPTMPDEVSRPNYPGIMYLQSEFDLGCTCDDKVEPKNKLEELNKRLHT
KGSTKERHLLYGRPAVLYRTSYDILYHTDFESGYSEIFLMPLWTSYTISKQAEVSSIPEHLTNCVRPDVRVSPGFSQNCL
AYKNDKQMSYGFLFPPYLSSSPEAKYDAFLVTNMVPMYPAFKRVWAYFQRVLVKKYASERNGVNVISGPIFDYNYDGLRD
TEDEIKQYVEGSSIPVPTHYYSIITSCLDFTQPADKCDGPLSVSSFILPHRPDNDESCNSSEDESKWVEELMKMHTARVR
DIEHLTGLDFYRKTSRSYSEILTLKTYLHTYESEIGGRHHHHHHHH
;
_entity_poly.pdbx_strand_id   A
#
loop_
_chem_comp.id
_chem_comp.type
_chem_comp.name
_chem_comp.formula
ACT non-polymer 'ACETATE ION' 'C2 H3 O2 -1'
BMA D-saccharide, beta linking beta-D-mannopyranose 'C6 H12 O6'
CA non-polymer 'CALCIUM ION' 'Ca 2'
CL non-polymer 'CHLORIDE ION' 'Cl -1'
K non-polymer 'POTASSIUM ION' 'K 1'
MAN D-saccharide, alpha linking alpha-D-mannopyranose 'C6 H12 O6'
NA non-polymer 'SODIUM ION' 'Na 1'
NAG D-saccharide, beta linking 2-acetamido-2-deoxy-beta-D-glucopyranose 'C8 H15 N O6'
XLT non-polymer 5-{3-[(3aR,8aS)-6-{2-cyclopropyl-6-[(oxan-4-yl)methoxy]pyridine-4-carbonyl}octahydropyrrolo[3,4-d]azepin-2(1H)-yl]-3-oxopropyl}-1,3-oxazol-2(3H)-one 'C29 H38 N4 O6'
ZN non-polymer 'ZINC ION' 'Zn 2'
#
# COMPACT_ATOMS: atom_id res chain seq x y z
N THR A 27 9.98 -23.22 -35.44
CA THR A 27 8.82 -22.68 -36.21
C THR A 27 8.39 -23.66 -37.30
N SER A 28 9.15 -24.76 -37.41
CA SER A 28 8.94 -25.85 -38.39
C SER A 28 7.75 -26.79 -38.07
N GLY A 29 7.56 -27.12 -36.78
CA GLY A 29 6.42 -27.91 -36.28
C GLY A 29 5.09 -27.18 -36.47
N SER A 30 3.99 -27.79 -36.02
CA SER A 30 2.68 -27.20 -36.29
C SER A 30 1.83 -26.81 -35.05
N CYS A 31 0.90 -25.86 -35.27
CA CYS A 31 -0.06 -25.43 -34.24
C CYS A 31 -1.41 -26.14 -34.31
N LYS A 32 -1.61 -26.99 -35.33
CA LYS A 32 -2.83 -27.83 -35.50
C LYS A 32 -3.31 -28.39 -34.15
N GLY A 33 -4.56 -28.04 -33.76
CA GLY A 33 -5.15 -28.45 -32.46
C GLY A 33 -4.38 -28.09 -31.18
N ARG A 34 -3.39 -27.20 -31.30
CA ARG A 34 -2.55 -26.81 -30.17
C ARG A 34 -2.75 -25.35 -29.77
N CYS A 35 -3.74 -24.69 -30.37
CA CYS A 35 -3.90 -23.24 -30.26
C CYS A 35 -4.03 -22.81 -28.78
N PHE A 36 -3.18 -21.87 -28.35
CA PHE A 36 -3.14 -21.38 -26.95
C PHE A 36 -2.95 -22.50 -25.92
N GLU A 37 -1.99 -23.37 -26.20
CA GLU A 37 -1.66 -24.46 -25.29
C GLU A 37 -1.33 -23.92 -23.90
N LEU A 38 -1.97 -24.53 -22.89
CA LEU A 38 -1.80 -24.13 -21.49
C LEU A 38 -0.40 -24.42 -20.91
N GLN A 39 0.10 -25.65 -21.09
CA GLN A 39 1.54 -25.95 -20.88
C GLN A 39 2.33 -25.52 -22.12
N GLU A 40 3.27 -24.62 -21.89
CA GLU A 40 4.21 -24.16 -22.92
C GLU A 40 5.19 -25.29 -23.27
N VAL A 41 5.79 -25.25 -24.47
CA VAL A 41 6.79 -26.26 -24.87
C VAL A 41 8.24 -25.71 -25.04
N GLY A 42 9.21 -26.63 -24.87
CA GLY A 42 10.65 -26.31 -24.83
C GLY A 42 11.37 -26.29 -26.18
N PRO A 43 11.88 -25.08 -26.59
CA PRO A 43 12.78 -24.96 -27.75
C PRO A 43 13.78 -26.14 -27.87
N PRO A 44 14.12 -26.57 -29.12
CA PRO A 44 13.70 -25.94 -30.38
C PRO A 44 12.38 -26.50 -31.00
N ASP A 45 11.39 -26.85 -30.16
CA ASP A 45 10.00 -27.14 -30.63
C ASP A 45 9.14 -25.87 -30.56
N CYS A 46 8.49 -25.50 -31.68
CA CYS A 46 7.74 -24.22 -31.76
C CYS A 46 6.54 -24.14 -30.84
N ARG A 47 6.24 -22.91 -30.45
CA ARG A 47 5.24 -22.62 -29.43
C ARG A 47 3.95 -22.06 -30.05
N CYS A 48 2.83 -22.41 -29.43
CA CYS A 48 1.52 -21.89 -29.82
C CYS A 48 0.86 -21.20 -28.60
N ASP A 49 1.64 -20.97 -27.54
CA ASP A 49 1.12 -20.30 -26.34
C ASP A 49 0.86 -18.81 -26.58
N ASN A 50 -0.15 -18.27 -25.88
CA ASN A 50 -0.55 -16.86 -26.09
C ASN A 50 0.59 -15.83 -25.94
N LEU A 51 1.76 -16.30 -25.54
CA LEU A 51 2.95 -15.47 -25.44
C LEU A 51 4.04 -15.71 -26.53
N CYS A 52 3.76 -16.60 -27.49
CA CYS A 52 4.78 -16.98 -28.48
C CYS A 52 5.21 -15.83 -29.39
N LYS A 53 4.26 -14.97 -29.77
CA LYS A 53 4.55 -13.75 -30.55
C LYS A 53 5.66 -12.93 -29.88
N SER A 54 5.46 -12.60 -28.60
CA SER A 54 6.43 -11.88 -27.76
C SER A 54 7.83 -12.50 -27.70
N TYR A 55 7.93 -13.78 -28.08
CA TYR A 55 9.21 -14.53 -28.07
C TYR A 55 9.71 -14.90 -29.48
N SER A 56 9.00 -14.47 -30.53
CA SER A 56 9.22 -14.98 -31.89
C SER A 56 9.48 -16.49 -31.90
N SER A 57 8.56 -17.28 -31.36
CA SER A 57 8.69 -18.74 -31.39
C SER A 57 7.42 -19.43 -31.86
N CYS A 58 6.50 -18.67 -32.46
CA CYS A 58 5.24 -19.22 -32.95
C CYS A 58 5.48 -20.14 -34.14
N CYS A 59 4.64 -21.18 -34.25
CA CYS A 59 4.70 -22.10 -35.38
C CYS A 59 4.28 -21.36 -36.65
N HIS A 60 4.78 -21.85 -37.78
CA HIS A 60 4.56 -21.24 -39.08
C HIS A 60 3.08 -20.85 -39.31
N ASP A 61 2.19 -21.75 -38.88
CA ASP A 61 0.74 -21.65 -39.12
C ASP A 61 -0.09 -21.00 -37.97
N PHE A 62 0.58 -20.56 -36.91
CA PHE A 62 -0.08 -19.86 -35.80
C PHE A 62 -1.13 -18.84 -36.26
N ASP A 63 -0.72 -17.89 -37.09
CA ASP A 63 -1.63 -16.82 -37.58
C ASP A 63 -2.93 -17.35 -38.23
N GLU A 64 -2.79 -18.30 -39.15
CA GLU A 64 -3.94 -18.84 -39.88
C GLU A 64 -4.85 -19.72 -39.00
N LEU A 65 -4.22 -20.55 -38.16
CA LEU A 65 -4.94 -21.52 -37.31
C LEU A 65 -5.51 -20.90 -36.03
N CYS A 66 -4.72 -20.08 -35.35
CA CYS A 66 -5.05 -19.57 -34.00
C CYS A 66 -5.59 -18.15 -33.93
N LEU A 67 -5.24 -17.31 -34.90
CA LEU A 67 -5.75 -15.95 -34.90
C LEU A 67 -6.70 -15.71 -36.07
N LYS A 68 -7.60 -16.65 -36.30
CA LYS A 68 -8.60 -16.52 -37.35
C LYS A 68 -9.39 -15.26 -37.14
N THR A 69 -9.90 -14.69 -38.22
CA THR A 69 -10.65 -13.45 -38.11
C THR A 69 -11.86 -13.49 -39.03
N ALA A 70 -11.87 -14.49 -39.90
CA ALA A 70 -12.84 -14.57 -40.99
C ALA A 70 -14.25 -14.36 -40.46
N ARG A 71 -14.92 -13.42 -41.11
CA ARG A 71 -16.35 -13.10 -40.91
C ARG A 71 -16.66 -12.21 -39.71
N GLY A 72 -15.65 -11.80 -38.96
CA GLY A 72 -15.87 -10.85 -37.88
C GLY A 72 -16.12 -11.49 -36.52
N TRP A 73 -16.65 -10.71 -35.58
CA TRP A 73 -16.74 -11.14 -34.18
C TRP A 73 -18.15 -11.41 -33.75
N GLU A 74 -19.12 -11.12 -34.64
CA GLU A 74 -20.55 -11.23 -34.32
C GLU A 74 -21.38 -12.12 -35.28
N CYS A 75 -22.49 -12.65 -34.78
CA CYS A 75 -23.48 -13.29 -35.65
C CYS A 75 -24.40 -12.21 -36.21
N THR A 76 -24.89 -12.47 -37.42
CA THR A 76 -26.05 -11.76 -37.99
C THR A 76 -27.18 -12.76 -38.23
N LYS A 77 -28.37 -12.22 -38.50
CA LYS A 77 -29.59 -13.00 -38.72
C LYS A 77 -29.32 -14.15 -39.69
N ASP A 78 -28.75 -13.82 -40.84
CA ASP A 78 -28.47 -14.81 -41.88
C ASP A 78 -27.38 -15.86 -41.54
N ARG A 79 -26.48 -15.55 -40.61
CA ARG A 79 -25.41 -16.48 -40.22
C ARG A 79 -25.91 -17.65 -39.33
N CYS A 80 -27.15 -17.58 -38.86
CA CYS A 80 -27.72 -18.52 -37.88
C CYS A 80 -27.89 -19.94 -38.39
N GLY A 81 -27.58 -20.92 -37.54
CA GLY A 81 -27.70 -22.33 -37.90
C GLY A 81 -26.89 -22.74 -39.12
N GLU A 82 -26.02 -21.84 -39.59
CA GLU A 82 -25.07 -22.10 -40.67
C GLU A 82 -24.34 -23.45 -40.50
N VAL A 83 -23.71 -23.91 -41.58
CA VAL A 83 -22.86 -25.09 -41.46
C VAL A 83 -21.45 -24.64 -41.02
N ARG A 84 -20.96 -25.26 -39.95
CA ARG A 84 -19.67 -24.93 -39.34
C ARG A 84 -18.54 -24.73 -40.38
N ASN A 85 -17.89 -23.57 -40.32
CA ASN A 85 -16.78 -23.24 -41.22
C ASN A 85 -15.52 -22.89 -40.42
N GLU A 86 -14.63 -23.88 -40.26
CA GLU A 86 -13.44 -23.75 -39.41
C GLU A 86 -12.56 -22.53 -39.68
N GLU A 87 -12.78 -21.86 -40.80
CA GLU A 87 -11.99 -20.66 -41.13
C GLU A 87 -12.50 -19.39 -40.44
N ASN A 88 -13.73 -19.45 -39.92
CA ASN A 88 -14.35 -18.32 -39.23
C ASN A 88 -13.67 -17.94 -37.91
N ALA A 89 -13.92 -16.71 -37.46
CA ALA A 89 -13.41 -16.22 -36.18
C ALA A 89 -14.15 -16.94 -35.07
N CYS A 90 -15.46 -16.81 -35.10
CA CYS A 90 -16.35 -17.50 -34.17
C CYS A 90 -17.62 -17.99 -34.91
N HIS A 91 -18.37 -18.91 -34.32
CA HIS A 91 -19.42 -19.63 -35.06
C HIS A 91 -20.85 -19.31 -34.65
N CYS A 92 -21.79 -19.57 -35.54
CA CYS A 92 -23.22 -19.34 -35.27
C CYS A 92 -24.05 -20.57 -35.61
N SER A 93 -23.35 -21.68 -35.88
CA SER A 93 -23.94 -23.00 -36.06
C SER A 93 -24.51 -23.47 -34.72
N GLU A 94 -25.05 -24.69 -34.66
CA GLU A 94 -25.72 -25.08 -33.43
C GLU A 94 -24.89 -25.96 -32.53
N ASP A 95 -23.94 -26.67 -33.11
CA ASP A 95 -22.98 -27.42 -32.32
C ASP A 95 -22.11 -26.51 -31.44
N CYS A 96 -21.98 -25.23 -31.82
CA CYS A 96 -20.98 -24.32 -31.22
C CYS A 96 -20.96 -24.27 -29.67
N LEU A 97 -22.13 -24.29 -29.05
CA LEU A 97 -22.25 -24.27 -27.58
C LEU A 97 -21.50 -25.42 -26.89
N SER A 98 -21.69 -26.66 -27.37
CA SER A 98 -20.96 -27.81 -26.82
C SER A 98 -19.46 -27.63 -27.05
N ARG A 99 -19.11 -27.29 -28.30
CA ARG A 99 -17.73 -26.96 -28.71
C ARG A 99 -17.15 -25.77 -27.93
N GLY A 100 -18.02 -24.87 -27.46
CA GLY A 100 -17.63 -23.74 -26.62
C GLY A 100 -17.17 -22.49 -27.36
N ASP A 101 -17.45 -22.43 -28.67
CA ASP A 101 -16.91 -21.39 -29.58
C ASP A 101 -17.93 -20.60 -30.41
N CYS A 102 -19.13 -20.44 -29.92
CA CYS A 102 -20.08 -19.51 -30.52
C CYS A 102 -19.54 -18.10 -30.39
N CYS A 103 -19.89 -17.23 -31.34
CA CYS A 103 -19.69 -15.80 -31.19
C CYS A 103 -20.48 -15.40 -29.95
N THR A 104 -20.01 -14.39 -29.24
CA THR A 104 -20.55 -14.10 -27.90
C THR A 104 -21.99 -13.63 -27.94
N ASN A 105 -22.45 -13.21 -29.11
CA ASN A 105 -23.80 -12.72 -29.24
C ASN A 105 -24.74 -13.72 -29.94
N TYR A 106 -24.23 -14.92 -30.20
CA TYR A 106 -25.02 -16.00 -30.82
C TYR A 106 -26.47 -16.13 -30.32
N GLN A 107 -26.65 -16.45 -29.03
CA GLN A 107 -27.99 -16.65 -28.48
C GLN A 107 -28.86 -15.40 -28.58
N VAL A 108 -28.24 -14.25 -28.74
CA VAL A 108 -29.02 -13.04 -28.78
C VAL A 108 -29.62 -12.88 -30.18
N VAL A 109 -28.81 -13.16 -31.19
CA VAL A 109 -29.24 -13.01 -32.58
C VAL A 109 -29.96 -14.26 -33.11
N CYS A 110 -29.54 -15.45 -32.68
CA CYS A 110 -30.11 -16.70 -33.18
C CYS A 110 -31.04 -17.46 -32.24
N LYS A 111 -31.33 -16.92 -31.06
CA LYS A 111 -32.22 -17.63 -30.11
C LYS A 111 -33.13 -16.70 -29.35
N GLY A 112 -33.28 -15.45 -29.80
CA GLY A 112 -34.15 -14.50 -29.10
C GLY A 112 -33.74 -14.05 -27.69
N GLU A 113 -32.55 -14.47 -27.24
CA GLU A 113 -32.01 -14.07 -25.92
C GLU A 113 -31.74 -12.58 -25.79
N SER A 114 -31.60 -12.09 -24.57
CA SER A 114 -31.13 -10.70 -24.38
C SER A 114 -29.68 -10.64 -23.89
N HIS A 115 -29.07 -9.49 -24.15
CA HIS A 115 -27.74 -9.17 -23.65
C HIS A 115 -27.74 -9.15 -22.12
N TRP A 116 -26.69 -9.68 -21.54
CA TRP A 116 -26.50 -9.63 -20.09
C TRP A 116 -26.77 -8.25 -19.52
N VAL A 117 -26.26 -7.19 -20.19
CA VAL A 117 -26.46 -5.83 -19.68
C VAL A 117 -27.93 -5.43 -19.52
N ASP A 118 -28.81 -6.02 -20.34
CA ASP A 118 -30.23 -5.69 -20.38
C ASP A 118 -31.08 -6.43 -19.34
N ASP A 119 -30.48 -7.40 -18.65
CA ASP A 119 -31.16 -8.16 -17.58
C ASP A 119 -31.05 -7.38 -16.27
N ASP A 120 -32.15 -7.35 -15.51
CA ASP A 120 -32.21 -6.82 -14.15
C ASP A 120 -31.23 -7.63 -13.33
N CYS A 121 -30.56 -7.03 -12.36
CA CYS A 121 -29.70 -7.94 -11.60
C CYS A 121 -30.43 -8.62 -10.50
N GLU A 122 -29.98 -9.82 -10.20
CA GLU A 122 -30.61 -10.64 -9.22
C GLU A 122 -29.47 -11.05 -8.37
N GLU A 123 -29.64 -10.92 -7.07
CA GLU A 123 -28.65 -11.40 -6.12
C GLU A 123 -28.20 -12.81 -6.47
N ILE A 124 -26.89 -13.08 -6.40
CA ILE A 124 -26.38 -14.42 -6.61
C ILE A 124 -26.05 -15.04 -5.26
N LYS A 125 -27.00 -15.75 -4.66
CA LYS A 125 -26.81 -16.24 -3.29
C LYS A 125 -25.85 -17.41 -3.20
N VAL A 126 -25.82 -18.23 -4.24
CA VAL A 126 -24.98 -19.41 -4.27
C VAL A 126 -24.40 -19.55 -5.68
N PRO A 127 -23.24 -20.18 -5.79
CA PRO A 127 -22.74 -20.43 -7.15
C PRO A 127 -23.76 -21.29 -7.90
N GLU A 128 -24.18 -20.83 -9.08
CA GLU A 128 -25.11 -21.59 -9.94
C GLU A 128 -24.30 -22.16 -11.12
N CYS A 129 -23.55 -23.22 -10.85
CA CYS A 129 -22.56 -23.77 -11.76
C CYS A 129 -23.00 -25.12 -12.34
N PRO A 130 -22.74 -25.37 -13.63
CA PRO A 130 -22.86 -26.69 -14.23
C PRO A 130 -22.25 -27.81 -13.37
N ALA A 131 -22.84 -29.00 -13.42
CA ALA A 131 -22.24 -30.14 -12.72
C ALA A 131 -20.83 -30.37 -13.24
N GLY A 132 -19.94 -30.76 -12.33
CA GLY A 132 -18.56 -30.97 -12.71
C GLY A 132 -17.60 -29.89 -12.27
N PHE A 133 -18.10 -28.68 -12.03
CA PHE A 133 -17.28 -27.59 -11.51
C PHE A 133 -17.05 -27.83 -10.02
N VAL A 134 -15.80 -28.02 -9.58
CA VAL A 134 -15.53 -28.16 -8.11
C VAL A 134 -15.49 -26.83 -7.32
N ARG A 135 -15.24 -25.70 -7.99
CA ARG A 135 -15.27 -24.36 -7.37
C ARG A 135 -15.70 -23.33 -8.42
N PRO A 136 -16.22 -22.17 -7.96
CA PRO A 136 -16.50 -21.09 -8.91
C PRO A 136 -15.20 -20.65 -9.59
N PRO A 137 -15.20 -20.59 -10.93
CA PRO A 137 -13.98 -20.08 -11.51
C PRO A 137 -13.83 -18.60 -11.14
N LEU A 138 -12.59 -18.13 -11.16
CA LEU A 138 -12.26 -16.73 -11.02
C LEU A 138 -11.71 -16.17 -12.34
N ILE A 139 -12.33 -15.11 -12.85
CA ILE A 139 -11.77 -14.37 -13.99
C ILE A 139 -11.31 -12.97 -13.56
N ILE A 140 -10.00 -12.72 -13.65
CA ILE A 140 -9.49 -11.40 -13.32
C ILE A 140 -9.34 -10.55 -14.59
N PHE A 141 -10.07 -9.45 -14.68
CA PHE A 141 -10.08 -8.59 -15.85
C PHE A 141 -9.33 -7.32 -15.50
N SER A 142 -8.05 -7.21 -15.86
CA SER A 142 -7.25 -6.03 -15.53
C SER A 142 -7.12 -5.01 -16.68
N VAL A 143 -7.25 -3.75 -16.32
CA VAL A 143 -7.20 -2.65 -17.26
C VAL A 143 -6.07 -1.70 -16.87
N ASP A 144 -5.13 -1.51 -17.78
CA ASP A 144 -3.97 -0.67 -17.55
C ASP A 144 -4.45 0.77 -17.55
N GLY A 145 -4.08 1.53 -16.53
CA GLY A 145 -4.31 2.98 -16.48
C GLY A 145 -5.74 3.40 -16.32
N PHE A 146 -6.58 2.52 -15.77
CA PHE A 146 -7.97 2.82 -15.51
C PHE A 146 -8.10 3.61 -14.20
N ARG A 147 -8.08 4.93 -14.36
CA ARG A 147 -8.21 5.90 -13.28
C ARG A 147 -9.52 5.73 -12.57
N ALA A 148 -9.50 5.87 -11.25
CA ALA A 148 -10.69 5.60 -10.46
C ALA A 148 -11.89 6.48 -10.85
N SER A 149 -11.68 7.74 -11.20
CA SER A 149 -12.84 8.60 -11.52
C SER A 149 -13.54 8.27 -12.83
N TYR A 150 -12.93 7.45 -13.68
CA TYR A 150 -13.63 6.99 -14.91
C TYR A 150 -14.92 6.23 -14.61
N MET A 151 -15.01 5.59 -13.45
CA MET A 151 -16.26 4.92 -13.08
C MET A 151 -17.42 5.91 -13.03
N LYS A 152 -17.19 7.08 -12.44
CA LYS A 152 -18.22 8.12 -12.41
C LYS A 152 -18.30 8.87 -13.74
N LYS A 153 -17.15 9.38 -14.20
CA LYS A 153 -17.13 10.28 -15.36
C LYS A 153 -17.41 9.59 -16.70
N GLY A 154 -17.19 8.28 -16.78
CA GLY A 154 -17.43 7.57 -18.02
C GLY A 154 -18.62 6.65 -17.96
N SER A 155 -19.43 6.81 -16.93
CA SER A 155 -20.50 5.85 -16.65
C SER A 155 -21.54 5.73 -17.76
N LYS A 156 -21.77 6.81 -18.52
CA LYS A 156 -22.74 6.83 -19.62
C LYS A 156 -22.32 5.93 -20.76
N VAL A 157 -21.03 5.71 -20.89
CA VAL A 157 -20.58 5.01 -22.05
C VAL A 157 -20.07 3.63 -21.66
N MET A 158 -20.26 3.25 -20.39
CA MET A 158 -19.79 1.93 -19.95
C MET A 158 -20.91 1.18 -19.26
N PRO A 159 -21.92 0.73 -20.02
CA PRO A 159 -23.03 0.12 -19.30
C PRO A 159 -22.74 -1.28 -18.66
N ASN A 160 -21.95 -2.12 -19.29
CA ASN A 160 -21.65 -3.40 -18.69
C ASN A 160 -20.87 -3.25 -17.38
N ILE A 161 -19.89 -2.34 -17.40
CA ILE A 161 -19.04 -2.06 -16.24
C ILE A 161 -19.85 -1.43 -15.10
N GLU A 162 -20.78 -0.56 -15.45
CA GLU A 162 -21.71 0.03 -14.47
C GLU A 162 -22.65 -0.99 -13.83
N LYS A 163 -23.10 -1.98 -14.61
CA LYS A 163 -23.90 -3.05 -14.03
C LYS A 163 -23.04 -3.91 -13.09
N LEU A 164 -21.84 -4.32 -13.49
CA LEU A 164 -20.94 -5.04 -12.54
C LEU A 164 -20.76 -4.25 -11.24
N ARG A 165 -20.42 -2.98 -11.41
CA ARG A 165 -20.18 -2.09 -10.27
C ARG A 165 -21.38 -1.94 -9.35
N SER A 166 -22.56 -1.68 -9.89
CA SER A 166 -23.65 -1.37 -8.99
C SER A 166 -24.35 -2.65 -8.46
N CYS A 167 -24.21 -3.77 -9.17
CA CYS A 167 -24.77 -5.03 -8.71
C CYS A 167 -23.81 -5.86 -7.82
N GLY A 168 -22.50 -5.68 -8.02
CA GLY A 168 -21.47 -6.43 -7.31
C GLY A 168 -20.99 -5.64 -6.08
N THR A 169 -19.75 -5.90 -5.67
CA THR A 169 -19.11 -5.16 -4.57
C THR A 169 -18.15 -4.18 -5.22
N HIS A 170 -18.09 -2.93 -4.76
CA HIS A 170 -17.10 -2.02 -5.36
C HIS A 170 -16.48 -1.10 -4.32
N ALA A 171 -15.26 -0.62 -4.55
CA ALA A 171 -14.69 0.43 -3.72
C ALA A 171 -14.75 1.68 -4.57
N PRO A 172 -14.83 2.88 -3.94
CA PRO A 172 -14.77 4.14 -4.72
C PRO A 172 -13.41 4.30 -5.45
N TYR A 173 -12.35 3.71 -4.87
CA TYR A 173 -11.09 3.57 -5.58
C TYR A 173 -10.20 2.57 -4.87
N MET A 174 -9.17 2.13 -5.57
CA MET A 174 -8.19 1.24 -4.96
C MET A 174 -6.81 1.89 -5.05
N ARG A 175 -6.04 1.90 -3.96
CA ARG A 175 -4.68 2.44 -3.93
C ARG A 175 -3.65 1.49 -4.55
N PRO A 176 -2.91 1.98 -5.60
CA PRO A 176 -1.77 1.22 -6.15
C PRO A 176 -0.57 1.23 -5.23
N VAL A 177 0.48 0.48 -5.57
CA VAL A 177 1.75 0.66 -4.85
C VAL A 177 2.66 1.66 -5.59
N TYR A 178 3.62 2.24 -4.85
CA TYR A 178 4.66 3.07 -5.40
C TYR A 178 5.83 2.24 -5.89
N PRO A 179 6.32 2.55 -7.10
CA PRO A 179 5.84 3.57 -8.03
C PRO A 179 4.63 3.12 -8.81
N THR A 180 3.80 4.08 -9.17
CA THR A 180 2.53 3.77 -9.80
C THR A 180 2.73 3.53 -11.29
N LYS A 181 3.58 2.52 -11.54
CA LYS A 181 3.95 2.02 -12.87
C LYS A 181 3.32 0.62 -13.12
N THR A 182 3.30 0.22 -14.38
CA THR A 182 2.60 -0.98 -14.82
C THR A 182 3.19 -2.33 -14.25
N PHE A 183 4.45 -2.63 -14.51
CA PHE A 183 5.06 -3.84 -13.97
C PHE A 183 5.05 -3.97 -12.43
N PRO A 184 5.47 -2.92 -11.70
CA PRO A 184 5.40 -3.08 -10.22
C PRO A 184 4.00 -3.35 -9.69
N ASN A 185 3.00 -2.67 -10.27
CA ASN A 185 1.61 -2.89 -9.87
C ASN A 185 0.97 -4.22 -10.30
N LEU A 186 1.17 -4.62 -11.55
CA LEU A 186 0.71 -5.94 -11.98
C LEU A 186 1.32 -7.05 -11.15
N TYR A 187 2.57 -6.91 -10.76
CA TYR A 187 3.22 -7.95 -10.03
C TYR A 187 2.90 -7.95 -8.50
N THR A 188 2.56 -6.79 -7.98
CA THR A 188 1.95 -6.70 -6.65
C THR A 188 0.58 -7.36 -6.64
N LEU A 189 -0.22 -7.10 -7.67
CA LEU A 189 -1.51 -7.74 -7.77
C LEU A 189 -1.35 -9.26 -7.77
N ALA A 190 -0.33 -9.75 -8.45
CA ALA A 190 -0.05 -11.17 -8.54
C ALA A 190 0.49 -11.80 -7.27
N THR A 191 1.15 -11.04 -6.40
CA THR A 191 1.94 -11.61 -5.29
C THR A 191 1.56 -11.14 -3.90
N GLY A 192 0.88 -10.02 -3.81
CA GLY A 192 0.54 -9.43 -2.52
C GLY A 192 1.74 -8.79 -1.85
N LEU A 193 2.81 -8.55 -2.62
CA LEU A 193 4.05 -8.02 -2.08
C LEU A 193 4.27 -6.58 -2.50
N TYR A 194 4.92 -5.81 -1.64
CA TYR A 194 5.48 -4.52 -2.02
C TYR A 194 6.57 -4.70 -3.08
N PRO A 195 6.66 -3.77 -4.06
CA PRO A 195 7.78 -3.86 -5.02
C PRO A 195 9.14 -4.16 -4.41
N GLU A 196 9.47 -3.56 -3.27
CA GLU A 196 10.77 -3.82 -2.68
C GLU A 196 10.95 -5.31 -2.33
N SER A 197 9.84 -6.02 -2.11
CA SER A 197 10.02 -7.45 -1.79
C SER A 197 9.88 -8.33 -3.00
N HIS A 198 9.02 -7.98 -3.95
CA HIS A 198 8.91 -8.84 -5.11
C HIS A 198 10.02 -8.61 -6.16
N GLY A 199 10.71 -7.48 -6.05
CA GLY A 199 11.83 -7.21 -6.93
C GLY A 199 11.59 -6.31 -8.14
N ILE A 200 10.34 -6.14 -8.58
CA ILE A 200 10.10 -5.33 -9.77
C ILE A 200 9.81 -3.90 -9.28
N VAL A 201 10.88 -3.17 -9.01
CA VAL A 201 10.77 -1.87 -8.32
C VAL A 201 10.60 -0.73 -9.31
N GLY A 202 10.47 -1.04 -10.59
CA GLY A 202 10.16 -0.02 -11.60
C GLY A 202 9.92 -0.69 -12.95
N ASN A 203 9.51 0.09 -13.95
CA ASN A 203 9.45 -0.42 -15.32
C ASN A 203 10.87 -0.59 -15.88
N SER A 204 11.85 0.07 -15.27
CA SER A 204 13.22 0.07 -15.74
C SER A 204 14.14 -0.17 -14.52
N MET A 205 15.09 -1.11 -14.58
CA MET A 205 15.95 -1.38 -13.41
C MET A 205 17.39 -1.83 -13.72
N TYR A 206 18.29 -1.52 -12.80
CA TYR A 206 19.62 -2.05 -12.85
C TYR A 206 19.86 -2.89 -11.61
N ASP A 207 20.23 -4.15 -11.74
CA ASP A 207 20.64 -4.92 -10.58
C ASP A 207 22.18 -5.01 -10.59
N PRO A 208 22.84 -4.38 -9.60
CA PRO A 208 24.28 -4.38 -9.51
C PRO A 208 24.88 -5.75 -9.19
N VAL A 209 24.15 -6.64 -8.54
CA VAL A 209 24.66 -7.99 -8.31
C VAL A 209 24.75 -8.82 -9.62
N PHE A 210 23.72 -8.74 -10.46
CA PHE A 210 23.71 -9.52 -11.71
C PHE A 210 24.55 -8.78 -12.69
N ASP A 211 24.78 -7.51 -12.43
CA ASP A 211 25.17 -6.55 -13.44
C ASP A 211 24.28 -6.69 -14.70
N ALA A 212 22.97 -6.51 -14.52
CA ALA A 212 22.08 -6.53 -15.68
C ALA A 212 20.96 -5.50 -15.57
N SER A 213 20.40 -5.12 -16.71
CA SER A 213 19.33 -4.14 -16.77
C SER A 213 18.05 -4.78 -17.24
N PHE A 214 16.95 -4.31 -16.67
CA PHE A 214 15.60 -4.76 -17.00
C PHE A 214 14.96 -3.57 -17.70
N HIS A 215 14.48 -3.79 -18.92
CA HIS A 215 13.77 -2.74 -19.67
C HIS A 215 12.48 -3.27 -20.25
N LEU A 216 11.52 -2.36 -20.48
CA LEU A 216 10.28 -2.67 -21.19
C LEU A 216 10.55 -3.33 -22.53
N ARG A 217 11.35 -2.68 -23.37
CA ARG A 217 11.74 -3.26 -24.65
C ARG A 217 12.88 -4.24 -24.39
N GLY A 218 12.74 -5.48 -24.88
CA GLY A 218 13.84 -6.44 -24.88
C GLY A 218 13.63 -7.71 -24.06
N ARG A 219 14.68 -8.52 -24.02
CA ARG A 219 14.59 -9.91 -23.61
C ARG A 219 14.90 -10.20 -22.13
N GLU A 220 15.69 -9.35 -21.47
CA GLU A 220 16.16 -9.56 -20.07
C GLU A 220 15.00 -9.68 -19.04
N LYS A 221 13.90 -8.96 -19.29
CA LYS A 221 12.71 -9.00 -18.43
C LYS A 221 12.07 -10.40 -18.31
N PHE A 222 12.31 -11.27 -19.30
CA PHE A 222 11.81 -12.65 -19.29
C PHE A 222 12.61 -13.55 -18.34
N ASN A 223 13.82 -13.15 -18.02
CA ASN A 223 14.60 -13.97 -17.14
C ASN A 223 13.97 -14.06 -15.73
N HIS A 224 13.87 -15.28 -15.22
CA HIS A 224 13.23 -15.60 -13.93
C HIS A 224 13.81 -14.94 -12.66
N ARG A 225 15.10 -14.62 -12.68
CA ARG A 225 15.78 -14.04 -11.52
C ARG A 225 15.30 -12.62 -11.16
N TRP A 226 14.58 -11.95 -12.05
CA TRP A 226 14.02 -10.64 -11.68
C TRP A 226 12.82 -10.75 -10.71
N TRP A 227 12.05 -11.84 -10.85
CA TRP A 227 10.69 -11.95 -10.35
C TRP A 227 10.68 -12.71 -9.06
N GLY A 228 10.51 -12.02 -7.93
CA GLY A 228 10.44 -12.66 -6.61
C GLY A 228 9.03 -13.03 -6.13
N GLY A 229 8.96 -13.45 -4.86
CA GLY A 229 7.74 -13.91 -4.25
C GLY A 229 7.14 -15.09 -4.99
N GLN A 230 5.85 -15.33 -4.79
CA GLN A 230 5.15 -16.38 -5.46
C GLN A 230 3.81 -15.88 -6.08
N PRO A 231 3.77 -15.75 -7.40
CA PRO A 231 2.55 -15.16 -7.93
C PRO A 231 1.41 -16.17 -7.95
N LEU A 232 0.19 -15.65 -8.08
CA LEU A 232 -1.01 -16.44 -7.97
C LEU A 232 -1.02 -17.69 -8.85
N TRP A 233 -0.53 -17.61 -10.08
CA TRP A 233 -0.61 -18.75 -11.02
C TRP A 233 0.29 -19.88 -10.50
N ILE A 234 1.39 -19.53 -9.85
CA ILE A 234 2.28 -20.54 -9.23
C ILE A 234 1.68 -21.05 -7.93
N THR A 235 1.04 -20.15 -7.16
CA THR A 235 0.29 -20.58 -5.97
C THR A 235 -0.85 -21.57 -6.31
N ALA A 236 -1.64 -21.28 -7.35
CA ALA A 236 -2.67 -22.20 -7.85
C ALA A 236 -2.07 -23.60 -8.16
N THR A 237 -1.07 -23.63 -9.04
CA THR A 237 -0.49 -24.88 -9.57
C THR A 237 0.05 -25.77 -8.48
N LYS A 238 0.85 -25.21 -7.57
CA LYS A 238 1.43 -25.94 -6.44
C LYS A 238 0.36 -26.54 -5.54
N GLN A 239 -0.86 -26.05 -5.63
CA GLN A 239 -1.89 -26.57 -4.75
C GLN A 239 -2.99 -27.26 -5.54
N GLY A 240 -2.73 -27.62 -6.80
CA GLY A 240 -3.65 -28.47 -7.54
C GLY A 240 -4.78 -27.74 -8.25
N VAL A 241 -4.69 -26.42 -8.34
CA VAL A 241 -5.69 -25.63 -9.04
C VAL A 241 -5.02 -25.17 -10.31
N ARG A 242 -5.69 -25.38 -11.43
CA ARG A 242 -5.12 -25.15 -12.76
C ARG A 242 -5.37 -23.71 -13.21
N ALA A 243 -4.35 -23.09 -13.79
CA ALA A 243 -4.45 -21.70 -14.18
C ALA A 243 -4.40 -21.52 -15.71
N GLY A 244 -5.32 -20.74 -16.27
CA GLY A 244 -5.15 -20.26 -17.65
C GLY A 244 -3.91 -19.35 -17.71
N THR A 245 -3.31 -19.14 -18.87
CA THR A 245 -2.08 -18.31 -18.90
C THR A 245 -2.49 -16.83 -18.81
N PHE A 246 -1.80 -16.06 -17.97
CA PHE A 246 -2.27 -14.71 -17.55
C PHE A 246 -1.87 -13.60 -18.52
N PHE A 247 -0.92 -13.94 -19.39
CA PHE A 247 -0.25 -12.99 -20.22
C PHE A 247 -0.73 -13.11 -21.63
N TRP A 248 -0.84 -11.97 -22.30
CA TRP A 248 -1.27 -11.92 -23.68
C TRP A 248 -0.33 -11.07 -24.55
N SER A 249 0.13 -11.63 -25.67
CA SER A 249 0.85 -10.84 -26.69
C SER A 249 -0.04 -9.70 -27.15
N VAL A 250 0.56 -8.54 -27.32
CA VAL A 250 -0.20 -7.35 -27.61
C VAL A 250 -0.94 -7.46 -28.96
N SER A 251 -0.47 -8.29 -29.88
CA SER A 251 -1.13 -8.39 -31.18
C SER A 251 -2.32 -9.35 -31.24
N ILE A 252 -2.52 -10.16 -30.20
CA ILE A 252 -3.76 -10.94 -30.10
C ILE A 252 -4.92 -10.00 -29.77
N PRO A 253 -5.88 -9.85 -30.70
CA PRO A 253 -6.94 -8.88 -30.42
C PRO A 253 -7.77 -9.29 -29.23
N HIS A 254 -8.32 -8.29 -28.53
CA HIS A 254 -9.13 -8.50 -27.34
C HIS A 254 -10.23 -9.54 -27.52
N GLU A 255 -10.97 -9.48 -28.63
CA GLU A 255 -12.04 -10.45 -28.94
C GLU A 255 -11.53 -11.91 -28.94
N ARG A 256 -10.33 -12.14 -29.45
CA ARG A 256 -9.68 -13.45 -29.45
C ARG A 256 -9.29 -13.91 -28.03
N ARG A 257 -8.89 -12.98 -27.16
CA ARG A 257 -8.58 -13.31 -25.77
C ARG A 257 -9.83 -13.80 -25.05
N ILE A 258 -10.94 -13.06 -25.21
CA ILE A 258 -12.25 -13.41 -24.62
C ILE A 258 -12.70 -14.81 -25.07
N LEU A 259 -12.62 -15.07 -26.39
CA LEU A 259 -13.08 -16.34 -26.96
C LEU A 259 -12.22 -17.49 -26.45
N THR A 260 -10.93 -17.23 -26.30
CA THR A 260 -10.02 -18.25 -25.79
C THR A 260 -10.40 -18.69 -24.36
N ILE A 261 -10.70 -17.71 -23.50
CA ILE A 261 -11.09 -17.93 -22.11
C ILE A 261 -12.42 -18.70 -22.10
N LEU A 262 -13.35 -18.29 -22.96
CA LEU A 262 -14.62 -18.99 -23.05
C LEU A 262 -14.46 -20.44 -23.50
N GLN A 263 -13.55 -20.65 -24.44
CA GLN A 263 -13.22 -21.97 -24.87
C GLN A 263 -12.56 -22.80 -23.75
N TRP A 264 -11.62 -22.21 -23.00
CA TRP A 264 -11.00 -22.96 -21.91
C TRP A 264 -12.03 -23.41 -20.91
N LEU A 265 -13.08 -22.60 -20.79
CA LEU A 265 -14.09 -22.83 -19.80
C LEU A 265 -14.98 -23.96 -20.24
N SER A 266 -14.80 -24.41 -21.48
CA SER A 266 -15.62 -25.48 -22.05
C SER A 266 -14.89 -26.80 -22.00
N LEU A 267 -13.60 -26.78 -21.71
CA LEU A 267 -12.81 -27.99 -21.59
C LEU A 267 -13.43 -28.96 -20.57
N PRO A 268 -13.14 -30.28 -20.71
CA PRO A 268 -13.60 -31.22 -19.68
C PRO A 268 -13.04 -30.91 -18.29
N ASP A 269 -13.74 -31.39 -17.28
CA ASP A 269 -13.50 -31.10 -15.89
C ASP A 269 -12.04 -31.24 -15.50
N ASN A 270 -11.39 -32.32 -15.92
CA ASN A 270 -10.03 -32.62 -15.51
C ASN A 270 -8.97 -31.74 -16.15
N GLU A 271 -9.34 -30.99 -17.19
CA GLU A 271 -8.38 -30.13 -17.91
C GLU A 271 -8.67 -28.64 -17.75
N ARG A 272 -9.88 -28.30 -17.31
CA ARG A 272 -10.38 -26.94 -17.34
C ARG A 272 -9.78 -26.07 -16.23
N PRO A 273 -9.19 -24.90 -16.59
CA PRO A 273 -8.57 -24.12 -15.49
C PRO A 273 -9.60 -23.52 -14.56
N SER A 274 -9.20 -23.19 -13.34
CA SER A 274 -10.09 -22.51 -12.41
C SER A 274 -9.85 -21.00 -12.29
N VAL A 275 -8.67 -20.52 -12.68
CA VAL A 275 -8.37 -19.08 -12.65
C VAL A 275 -7.89 -18.63 -14.03
N TYR A 276 -8.38 -17.46 -14.45
CA TYR A 276 -8.17 -16.85 -15.78
C TYR A 276 -7.87 -15.36 -15.58
N ALA A 277 -7.06 -14.81 -16.48
CA ALA A 277 -6.78 -13.36 -16.47
C ALA A 277 -6.89 -12.80 -17.88
N PHE A 278 -7.56 -11.68 -18.03
CA PHE A 278 -7.54 -10.96 -19.27
C PHE A 278 -6.88 -9.64 -18.92
N TYR A 279 -6.02 -9.13 -19.79
CA TYR A 279 -5.32 -7.86 -19.59
C TYR A 279 -5.69 -6.95 -20.74
N SER A 280 -6.01 -5.70 -20.45
CA SER A 280 -6.20 -4.69 -21.52
C SER A 280 -5.16 -3.58 -21.39
N GLU A 281 -4.54 -3.26 -22.53
CA GLU A 281 -3.54 -2.20 -22.70
C GLU A 281 -4.20 -0.86 -22.63
N GLN A 282 -5.51 -0.86 -22.84
CA GLN A 282 -6.33 0.35 -22.71
C GLN A 282 -6.95 0.46 -21.28
N PRO A 283 -7.21 1.67 -20.78
CA PRO A 283 -7.09 2.98 -21.47
C PRO A 283 -5.68 3.63 -21.39
N ASP A 284 -4.72 2.95 -20.77
CA ASP A 284 -3.37 3.48 -20.60
C ASP A 284 -2.73 3.96 -21.92
N PHE A 285 -2.78 3.11 -22.93
CA PHE A 285 -2.19 3.43 -24.20
C PHE A 285 -2.70 4.78 -24.70
N SER A 286 -4.00 4.96 -24.77
CA SER A 286 -4.55 6.24 -25.24
C SER A 286 -4.31 7.42 -24.30
N GLY A 287 -4.40 7.18 -22.99
CA GLY A 287 -4.22 8.23 -21.96
C GLY A 287 -2.85 8.89 -22.00
N HIS A 288 -1.82 8.12 -22.37
CA HIS A 288 -0.49 8.66 -22.59
C HIS A 288 -0.44 9.71 -23.72
N LYS A 289 -1.10 9.41 -24.84
CA LYS A 289 -1.21 10.30 -25.97
C LYS A 289 -2.14 11.47 -25.72
N TYR A 290 -3.27 11.25 -25.06
CA TYR A 290 -4.30 12.31 -25.00
C TYR A 290 -4.57 12.93 -23.67
N GLY A 291 -3.93 12.43 -22.61
CA GLY A 291 -4.24 12.88 -21.24
C GLY A 291 -5.36 12.08 -20.62
N PRO A 292 -5.49 12.08 -19.28
CA PRO A 292 -6.53 11.25 -18.68
C PRO A 292 -7.94 11.57 -19.17
N PHE A 293 -8.23 12.84 -19.51
CA PHE A 293 -9.60 13.19 -19.95
C PHE A 293 -9.68 13.80 -21.35
N GLY A 294 -8.70 13.52 -22.18
CA GLY A 294 -8.75 13.99 -23.57
C GLY A 294 -10.02 13.48 -24.22
N PRO A 295 -10.62 14.27 -25.16
CA PRO A 295 -11.87 13.84 -25.81
C PRO A 295 -11.72 12.51 -26.52
N GLU A 296 -10.49 12.17 -26.88
CA GLU A 296 -10.24 10.90 -27.58
C GLU A 296 -10.36 9.72 -26.63
N MET A 297 -10.50 10.00 -25.33
CA MET A 297 -10.55 8.95 -24.32
C MET A 297 -11.86 8.18 -24.26
N THR A 298 -12.94 8.71 -24.86
CA THR A 298 -14.26 8.08 -24.81
C THR A 298 -14.28 6.74 -25.53
N ASN A 299 -13.72 6.71 -26.72
CA ASN A 299 -13.69 5.50 -27.54
C ASN A 299 -13.01 4.28 -26.88
N PRO A 300 -11.82 4.45 -26.29
CA PRO A 300 -11.22 3.28 -25.62
C PRO A 300 -12.06 2.81 -24.43
N LEU A 301 -12.69 3.74 -23.72
CA LEU A 301 -13.61 3.40 -22.64
C LEU A 301 -14.80 2.58 -23.16
N ARG A 302 -15.44 3.02 -24.26
CA ARG A 302 -16.49 2.24 -24.93
C ARG A 302 -15.96 0.87 -25.28
N GLU A 303 -14.78 0.80 -25.90
CA GLU A 303 -14.24 -0.46 -26.35
C GLU A 303 -14.00 -1.46 -25.20
N ILE A 304 -13.49 -0.97 -24.07
CA ILE A 304 -13.34 -1.82 -22.90
C ILE A 304 -14.67 -2.34 -22.44
N ASP A 305 -15.66 -1.44 -22.39
CA ASP A 305 -16.98 -1.85 -22.03
C ASP A 305 -17.57 -2.95 -22.92
N LYS A 306 -17.41 -2.79 -24.22
CA LYS A 306 -17.92 -3.74 -25.19
C LYS A 306 -17.25 -5.09 -24.97
N THR A 307 -15.95 -5.11 -24.68
CA THR A 307 -15.21 -6.34 -24.32
C THR A 307 -15.75 -7.05 -23.07
N VAL A 308 -16.06 -6.27 -22.03
CA VAL A 308 -16.74 -6.81 -20.84
C VAL A 308 -18.10 -7.42 -21.23
N GLY A 309 -18.88 -6.65 -22.00
CA GLY A 309 -20.13 -7.09 -22.59
C GLY A 309 -20.01 -8.46 -23.24
N GLN A 310 -18.98 -8.62 -24.04
CA GLN A 310 -18.75 -9.86 -24.74
C GLN A 310 -18.45 -10.99 -23.76
N LEU A 311 -17.61 -10.73 -22.76
CA LEU A 311 -17.31 -11.71 -21.73
C LEU A 311 -18.57 -12.16 -21.01
N MET A 312 -19.37 -11.21 -20.55
CA MET A 312 -20.60 -11.54 -19.83
C MET A 312 -21.63 -12.23 -20.73
N ASP A 313 -21.76 -11.79 -21.98
CA ASP A 313 -22.68 -12.46 -22.93
C ASP A 313 -22.23 -13.90 -23.13
N GLY A 314 -20.94 -14.08 -23.36
CA GLY A 314 -20.35 -15.39 -23.58
C GLY A 314 -20.53 -16.31 -22.37
N LEU A 315 -20.42 -15.73 -21.16
CA LEU A 315 -20.56 -16.49 -19.92
C LEU A 315 -22.01 -16.93 -19.81
N LYS A 316 -22.90 -16.04 -20.18
CA LYS A 316 -24.31 -16.26 -20.01
C LYS A 316 -24.81 -17.42 -20.92
N GLN A 317 -24.35 -17.43 -22.17
CA GLN A 317 -24.58 -18.56 -23.11
C GLN A 317 -24.14 -19.89 -22.58
N LEU A 318 -22.99 -19.91 -21.91
CA LEU A 318 -22.46 -21.14 -21.37
C LEU A 318 -23.12 -21.43 -19.99
N ARG A 319 -24.11 -20.61 -19.63
CA ARG A 319 -24.80 -20.68 -18.31
C ARG A 319 -23.84 -20.51 -17.15
N LEU A 320 -22.87 -19.61 -17.29
CA LEU A 320 -21.79 -19.49 -16.33
C LEU A 320 -21.76 -18.12 -15.66
N HIS A 321 -22.77 -17.31 -15.98
CA HIS A 321 -22.80 -15.91 -15.57
C HIS A 321 -23.23 -15.69 -14.12
N ARG A 322 -23.72 -16.75 -13.46
CA ARG A 322 -24.00 -16.72 -12.01
C ARG A 322 -23.18 -17.80 -11.27
N CYS A 323 -22.07 -18.18 -11.86
CA CYS A 323 -21.20 -19.24 -11.33
C CYS A 323 -19.76 -18.71 -11.08
N VAL A 324 -19.30 -17.85 -12.00
CA VAL A 324 -17.95 -17.31 -12.05
C VAL A 324 -17.79 -16.04 -11.17
N ASN A 325 -16.72 -15.92 -10.39
CA ASN A 325 -16.38 -14.63 -9.79
C ASN A 325 -15.55 -13.77 -10.77
N VAL A 326 -15.96 -12.53 -10.98
CA VAL A 326 -15.28 -11.64 -11.89
C VAL A 326 -14.68 -10.51 -11.08
N ILE A 327 -13.38 -10.28 -11.26
CA ILE A 327 -12.72 -9.11 -10.66
C ILE A 327 -12.33 -8.16 -11.79
N PHE A 328 -12.74 -6.89 -11.67
CA PHE A 328 -12.40 -5.86 -12.65
C PHE A 328 -11.48 -4.92 -11.89
N VAL A 329 -10.22 -4.83 -12.30
CA VAL A 329 -9.22 -4.18 -11.48
C VAL A 329 -8.27 -3.38 -12.38
N GLY A 330 -7.83 -2.22 -11.89
CA GLY A 330 -6.81 -1.47 -12.58
C GLY A 330 -5.44 -1.59 -11.92
N ASP A 331 -4.39 -1.23 -12.65
CA ASP A 331 -3.07 -1.19 -12.06
C ASP A 331 -2.68 0.17 -11.45
N HIS A 332 -3.16 1.26 -12.06
CA HIS A 332 -2.89 2.66 -11.59
C HIS A 332 -3.78 3.59 -12.43
N GLY A 333 -3.84 4.86 -12.08
CA GLY A 333 -4.58 5.84 -12.86
C GLY A 333 -3.67 6.53 -13.88
N MET A 334 -3.95 7.81 -14.13
CA MET A 334 -3.26 8.58 -15.16
C MET A 334 -3.44 10.05 -14.84
N GLU A 335 -2.36 10.79 -14.96
CA GLU A 335 -2.29 12.24 -14.66
C GLU A 335 -2.00 13.03 -15.94
N ASP A 336 -2.38 14.31 -15.97
CA ASP A 336 -1.95 15.25 -17.06
C ASP A 336 -0.50 15.61 -16.88
N VAL A 337 0.32 15.30 -17.88
CA VAL A 337 1.75 15.56 -17.83
C VAL A 337 2.17 15.94 -19.25
N THR A 338 2.82 17.09 -19.42
CA THR A 338 3.41 17.47 -20.71
C THR A 338 4.89 17.90 -20.60
N CYS A 339 5.59 17.85 -21.72
CA CYS A 339 7.05 18.09 -21.75
C CYS A 339 7.50 19.48 -21.26
N ASP A 340 6.64 20.50 -21.36
CA ASP A 340 6.96 21.80 -20.84
C ASP A 340 7.00 21.78 -19.32
N ARG A 341 6.51 20.70 -18.71
CA ARG A 341 6.58 20.57 -17.25
C ARG A 341 7.67 19.58 -16.86
N THR A 342 8.90 19.94 -17.21
CA THR A 342 10.06 19.12 -16.93
C THR A 342 11.11 19.93 -16.19
N GLU A 343 11.55 19.41 -15.06
CA GLU A 343 12.70 19.89 -14.35
C GLU A 343 13.92 19.15 -14.87
N PHE A 344 15.02 19.88 -15.09
CA PHE A 344 16.28 19.30 -15.57
C PHE A 344 17.31 19.36 -14.49
N LEU A 345 17.94 18.22 -14.21
CA LEU A 345 19.02 18.18 -13.23
C LEU A 345 20.21 19.06 -13.68
N SER A 346 20.35 19.25 -14.98
CA SER A 346 21.44 20.07 -15.47
C SER A 346 21.32 21.52 -14.94
N ASN A 347 20.11 21.94 -14.56
CA ASN A 347 19.91 23.24 -13.89
C ASN A 347 20.32 23.36 -12.44
N TYR A 348 20.83 22.27 -11.85
CA TYR A 348 21.13 22.23 -10.44
C TYR A 348 22.52 21.69 -10.26
N LEU A 349 22.93 20.77 -11.12
CA LEU A 349 24.18 20.09 -10.87
C LEU A 349 25.19 20.57 -11.91
N THR A 350 26.41 20.90 -11.48
CA THR A 350 27.48 21.26 -12.41
C THR A 350 27.95 19.97 -13.11
N ASN A 351 28.03 18.87 -12.34
CA ASN A 351 28.54 17.56 -12.78
C ASN A 351 27.52 16.59 -13.43
N VAL A 352 26.51 17.09 -14.13
CA VAL A 352 25.46 16.19 -14.64
C VAL A 352 25.95 14.93 -15.33
N ASP A 353 27.18 14.92 -15.83
CA ASP A 353 27.63 13.78 -16.63
C ASP A 353 28.22 12.65 -15.85
N ASP A 354 28.46 12.88 -14.56
CA ASP A 354 28.89 11.81 -13.67
C ASP A 354 27.70 11.08 -13.02
N ILE A 355 26.46 11.42 -13.41
CA ILE A 355 25.30 10.69 -12.89
C ILE A 355 24.48 10.06 -13.96
N THR A 356 23.87 8.93 -13.58
CA THR A 356 22.85 8.22 -14.33
C THR A 356 21.54 8.51 -13.60
N LEU A 357 20.51 8.89 -14.37
CA LEU A 357 19.18 9.19 -13.86
C LEU A 357 18.14 8.24 -14.49
N VAL A 358 17.42 7.49 -13.66
CA VAL A 358 16.19 6.88 -14.15
C VAL A 358 15.15 8.00 -14.09
N PRO A 359 14.66 8.48 -15.26
CA PRO A 359 13.91 9.74 -15.35
C PRO A 359 12.36 9.55 -15.31
N GLY A 360 11.61 10.66 -15.33
CA GLY A 360 10.20 10.64 -15.64
C GLY A 360 9.47 11.15 -14.44
N THR A 361 8.45 10.40 -14.02
CA THR A 361 7.54 10.77 -12.92
C THR A 361 8.15 10.30 -11.58
N LEU A 362 9.34 9.72 -11.64
CA LEU A 362 10.17 9.52 -10.44
C LEU A 362 11.62 9.60 -10.89
N GLY A 363 12.52 9.86 -9.96
CA GLY A 363 13.88 9.91 -10.32
C GLY A 363 14.69 8.98 -9.44
N ARG A 364 15.60 8.23 -10.04
CA ARG A 364 16.55 7.45 -9.24
C ARG A 364 17.92 7.75 -9.83
N ILE A 365 18.85 8.10 -8.94
CA ILE A 365 20.17 8.55 -9.32
C ILE A 365 21.27 7.63 -8.80
N ARG A 366 22.21 7.25 -9.66
CA ARG A 366 23.44 6.62 -9.20
C ARG A 366 24.63 7.18 -9.98
N ALA A 367 25.84 6.82 -9.54
CA ALA A 367 27.08 7.20 -10.22
C ALA A 367 27.09 6.61 -11.63
N LYS A 368 27.45 7.41 -12.63
CA LYS A 368 27.67 6.85 -13.96
C LYS A 368 28.79 5.82 -13.93
N SER A 369 29.81 6.03 -13.11
CA SER A 369 30.88 5.07 -13.02
C SER A 369 31.23 4.75 -11.57
N ILE A 370 31.13 3.48 -11.17
CA ILE A 370 31.57 3.04 -9.82
C ILE A 370 33.08 3.18 -9.57
N ASN A 371 33.85 3.47 -10.62
CA ASN A 371 35.27 3.85 -10.46
C ASN A 371 35.42 5.30 -10.05
N ASN A 372 34.33 6.06 -10.10
CA ASN A 372 34.34 7.46 -9.69
C ASN A 372 34.29 7.61 -8.17
N SER A 373 35.45 7.82 -7.58
CA SER A 373 35.58 7.88 -6.13
C SER A 373 35.30 9.29 -5.60
N LYS A 374 35.05 10.22 -6.51
CA LYS A 374 34.71 11.57 -6.09
C LYS A 374 33.20 11.73 -5.93
N TYR A 375 32.44 10.79 -6.50
CA TYR A 375 30.97 10.79 -6.43
C TYR A 375 30.44 10.68 -5.02
N ASP A 376 29.59 11.64 -4.62
CA ASP A 376 29.11 11.76 -3.24
C ASP A 376 27.61 12.10 -3.18
N PRO A 377 26.80 11.14 -2.75
CA PRO A 377 25.36 11.31 -2.69
C PRO A 377 24.93 12.50 -1.81
N LYS A 378 25.65 12.76 -0.72
CA LYS A 378 25.29 13.85 0.20
C LYS A 378 25.35 15.19 -0.52
N THR A 379 26.43 15.42 -1.26
CA THR A 379 26.56 16.70 -1.95
C THR A 379 25.60 16.81 -3.15
N ILE A 380 25.30 15.67 -3.80
CA ILE A 380 24.26 15.68 -4.84
C ILE A 380 22.90 16.06 -4.27
N ILE A 381 22.51 15.40 -3.17
CA ILE A 381 21.29 15.73 -2.43
C ILE A 381 21.28 17.22 -2.08
N ALA A 382 22.40 17.71 -1.55
CA ALA A 382 22.44 19.09 -1.11
C ALA A 382 22.24 20.05 -2.31
N ALA A 383 22.83 19.71 -3.45
CA ALA A 383 22.67 20.55 -4.62
C ALA A 383 21.25 20.50 -5.17
N LEU A 384 20.47 19.48 -4.74
CA LEU A 384 19.11 19.29 -5.24
C LEU A 384 18.02 19.77 -4.29
N THR A 385 18.41 20.32 -3.12
CA THR A 385 17.51 20.60 -2.00
C THR A 385 17.05 22.05 -1.94
N CYS A 386 15.74 22.25 -2.11
CA CYS A 386 15.10 23.55 -2.00
C CYS A 386 15.84 24.67 -2.75
N LYS A 387 16.26 24.41 -3.99
CA LYS A 387 17.06 25.39 -4.71
C LYS A 387 16.26 26.47 -5.47
N LYS A 388 15.04 26.16 -5.91
CA LYS A 388 14.17 27.12 -6.64
C LYS A 388 12.88 27.31 -5.84
N PRO A 389 12.27 28.52 -5.91
CA PRO A 389 11.05 28.78 -5.15
C PRO A 389 9.92 27.74 -5.34
N ASP A 390 9.70 27.27 -6.57
CA ASP A 390 8.60 26.31 -6.79
C ASP A 390 9.04 24.92 -7.27
N GLN A 391 10.20 24.50 -6.81
CA GLN A 391 10.83 23.24 -7.22
C GLN A 391 9.81 22.09 -7.30
N HIS A 392 9.74 21.38 -8.42
CA HIS A 392 8.68 20.37 -8.60
C HIS A 392 9.15 18.94 -8.40
N PHE A 393 10.22 18.77 -7.64
CA PHE A 393 10.63 17.44 -7.19
C PHE A 393 11.34 17.66 -5.87
N LYS A 394 11.50 16.59 -5.11
CA LYS A 394 12.17 16.68 -3.80
C LYS A 394 13.11 15.48 -3.72
N PRO A 395 14.41 15.72 -3.47
CA PRO A 395 15.34 14.61 -3.35
C PRO A 395 15.34 13.96 -1.95
N TYR A 396 15.61 12.66 -1.91
CA TYR A 396 15.69 11.90 -0.65
C TYR A 396 16.78 10.88 -0.72
N MET A 397 17.51 10.64 0.38
CA MET A 397 18.11 9.30 0.53
C MET A 397 16.90 8.33 0.66
N LYS A 398 17.03 7.13 0.10
CA LYS A 398 15.86 6.25 -0.01
C LYS A 398 15.32 5.85 1.38
N GLN A 399 16.20 5.68 2.37
CA GLN A 399 15.77 5.41 3.75
C GLN A 399 15.00 6.56 4.42
N HIS A 400 15.05 7.75 3.83
CA HIS A 400 14.32 8.91 4.37
C HIS A 400 12.99 9.12 3.70
N LEU A 401 12.72 8.37 2.63
CA LEU A 401 11.38 8.38 2.01
C LEU A 401 10.29 8.03 3.03
N PRO A 402 9.07 8.63 2.88
CA PRO A 402 7.95 8.23 3.76
C PRO A 402 7.89 6.72 3.84
N LYS A 403 7.78 6.20 5.06
CA LYS A 403 7.69 4.76 5.28
C LYS A 403 6.49 4.08 4.63
N ARG A 404 5.38 4.82 4.47
CA ARG A 404 4.20 4.31 3.78
C ARG A 404 4.45 3.86 2.31
N LEU A 405 5.51 4.33 1.68
CA LEU A 405 5.85 3.90 0.30
C LEU A 405 6.59 2.56 0.28
N HIS A 406 7.11 2.11 1.41
CA HIS A 406 7.86 0.83 1.48
C HIS A 406 8.86 0.63 0.31
N TYR A 407 9.70 1.65 0.10
CA TYR A 407 10.49 1.72 -1.13
C TYR A 407 11.97 2.00 -0.87
N ALA A 408 12.61 1.02 -0.23
CA ALA A 408 14.00 1.14 0.14
C ALA A 408 14.76 -0.18 0.21
N ASN A 409 14.12 -1.24 0.66
CA ASN A 409 14.86 -2.47 0.98
C ASN A 409 15.03 -3.39 -0.23
N ASN A 410 15.71 -2.88 -1.26
CA ASN A 410 16.05 -3.65 -2.45
C ASN A 410 17.26 -3.01 -3.09
N ARG A 411 18.26 -3.84 -3.41
CA ARG A 411 19.49 -3.34 -4.05
C ARG A 411 19.24 -2.71 -5.46
N ARG A 412 18.07 -2.96 -6.06
CA ARG A 412 17.73 -2.34 -7.34
C ARG A 412 17.19 -0.92 -7.20
N ILE A 413 17.04 -0.44 -5.97
CA ILE A 413 16.51 0.92 -5.73
C ILE A 413 17.73 1.77 -5.35
N GLU A 414 18.00 2.79 -6.16
CA GLU A 414 19.20 3.62 -5.99
C GLU A 414 19.10 4.37 -4.67
N ASP A 415 20.25 4.62 -4.05
CA ASP A 415 20.31 5.36 -2.79
C ASP A 415 19.67 6.76 -2.88
N ILE A 416 19.71 7.41 -4.05
CA ILE A 416 19.11 8.73 -4.19
C ILE A 416 17.85 8.61 -5.00
N HIS A 417 16.76 9.15 -4.46
CA HIS A 417 15.47 9.10 -5.04
C HIS A 417 14.90 10.51 -5.16
N LEU A 418 14.21 10.77 -6.27
CA LEU A 418 13.46 12.03 -6.43
C LEU A 418 11.98 11.77 -6.46
N LEU A 419 11.29 12.32 -5.48
CA LEU A 419 9.83 12.28 -5.50
C LEU A 419 9.41 13.47 -6.32
N VAL A 420 8.72 13.19 -7.41
CA VAL A 420 8.32 14.21 -8.35
C VAL A 420 6.90 14.70 -8.11
N ASP A 421 6.67 16.00 -8.15
CA ASP A 421 5.32 16.52 -8.07
C ASP A 421 4.42 15.95 -9.14
N ARG A 422 3.18 15.65 -8.78
CA ARG A 422 2.15 15.28 -9.74
C ARG A 422 2.12 16.33 -10.89
N ARG A 423 1.93 15.84 -12.13
CA ARG A 423 1.87 16.68 -13.33
CA ARG A 423 1.88 16.68 -13.33
C ARG A 423 3.25 17.01 -13.94
N TRP A 424 4.33 16.62 -13.26
CA TRP A 424 5.70 16.94 -13.68
C TRP A 424 6.55 15.74 -14.10
N HIS A 425 7.60 16.03 -14.87
CA HIS A 425 8.67 15.10 -15.15
C HIS A 425 9.97 15.65 -14.61
N VAL A 426 10.90 14.75 -14.29
CA VAL A 426 12.30 15.09 -14.06
C VAL A 426 13.15 14.42 -15.15
N ALA A 427 14.10 15.20 -15.68
CA ALA A 427 15.02 14.67 -16.70
C ALA A 427 16.42 15.18 -16.40
N ARG A 428 17.41 14.55 -17.00
CA ARG A 428 18.83 14.91 -16.76
C ARG A 428 19.25 16.21 -17.49
N LYS A 429 18.91 16.34 -18.76
CA LYS A 429 19.34 17.47 -19.61
C LYS A 429 18.23 17.70 -20.60
N PRO A 430 18.07 18.95 -21.09
CA PRO A 430 17.04 19.23 -22.10
C PRO A 430 17.07 18.33 -23.33
N LEU A 431 18.24 17.80 -23.72
CA LEU A 431 18.34 17.03 -24.96
C LEU A 431 17.46 15.78 -24.93
N ASP A 432 17.50 15.09 -23.78
CA ASP A 432 16.68 13.90 -23.48
C ASP A 432 15.20 14.06 -23.85
N VAL A 433 14.64 15.24 -23.59
CA VAL A 433 13.22 15.49 -23.80
C VAL A 433 12.78 15.65 -25.27
N TYR A 434 13.49 16.47 -26.06
CA TYR A 434 13.18 16.68 -27.49
C TYR A 434 14.03 15.79 -28.47
N LYS A 435 14.97 15.01 -27.91
CA LYS A 435 15.70 13.96 -28.65
C LYS A 435 15.52 12.56 -28.00
N LYS A 436 14.27 12.07 -27.99
CA LYS A 436 13.89 10.69 -27.55
C LYS A 436 12.45 10.37 -27.97
N CYS A 441 6.09 16.10 -25.53
CA CYS A 441 5.27 17.08 -26.26
C CYS A 441 4.40 16.29 -27.19
N PHE A 442 4.88 15.09 -27.48
CA PHE A 442 4.06 14.01 -27.97
C PHE A 442 2.95 13.69 -26.94
N PHE A 443 3.40 13.30 -25.74
CA PHE A 443 2.59 12.69 -24.68
C PHE A 443 1.86 13.72 -23.81
N GLN A 444 0.65 13.41 -23.36
CA GLN A 444 -0.13 14.31 -22.49
C GLN A 444 -0.50 13.66 -21.16
N GLY A 445 -0.24 12.37 -21.03
CA GLY A 445 -0.57 11.68 -19.80
C GLY A 445 0.59 10.85 -19.29
N ASP A 446 0.77 10.80 -17.98
CA ASP A 446 1.74 9.86 -17.45
C ASP A 446 1.38 9.51 -16.01
N HIS A 447 2.11 8.56 -15.43
CA HIS A 447 1.81 8.04 -14.10
C HIS A 447 3.12 7.53 -13.53
N GLY A 448 3.13 7.21 -12.24
CA GLY A 448 4.35 6.82 -11.61
C GLY A 448 4.52 7.54 -10.27
N PHE A 449 3.80 8.65 -10.07
CA PHE A 449 3.92 9.47 -8.85
C PHE A 449 3.51 8.72 -7.55
N ASP A 450 3.78 9.37 -6.41
CA ASP A 450 3.35 8.94 -5.07
C ASP A 450 1.99 8.25 -5.13
N ASN A 451 1.88 7.08 -4.50
CA ASN A 451 0.62 6.34 -4.61
C ASN A 451 -0.55 6.90 -3.80
N LYS A 452 -0.34 7.94 -3.00
CA LYS A 452 -1.47 8.64 -2.36
CA LYS A 452 -1.52 8.56 -2.40
C LYS A 452 -2.16 9.63 -3.33
N VAL A 453 -1.53 9.96 -4.44
CA VAL A 453 -2.05 10.98 -5.38
C VAL A 453 -3.39 10.56 -5.97
N ASN A 454 -4.41 11.42 -5.86
CA ASN A 454 -5.77 11.14 -6.39
C ASN A 454 -5.82 10.59 -7.81
N SER A 455 -5.04 11.18 -8.71
CA SER A 455 -5.12 10.80 -10.11
C SER A 455 -4.48 9.41 -10.37
N MET A 456 -3.65 8.94 -9.43
CA MET A 456 -3.04 7.57 -9.52
C MET A 456 -3.94 6.44 -9.04
N GLN A 457 -4.98 6.77 -8.28
CA GLN A 457 -5.95 5.80 -7.77
C GLN A 457 -6.62 5.05 -8.91
N THR A 458 -6.89 3.78 -8.69
CA THR A 458 -7.41 2.93 -9.76
C THR A 458 -8.73 2.30 -9.26
N VAL A 459 -9.24 1.26 -9.93
CA VAL A 459 -10.58 0.70 -9.65
C VAL A 459 -10.58 -0.70 -9.06
N PHE A 460 -11.64 -1.04 -8.33
CA PHE A 460 -11.90 -2.42 -7.98
C PHE A 460 -13.41 -2.68 -8.01
N VAL A 461 -13.79 -3.71 -8.75
CA VAL A 461 -15.15 -4.23 -8.67
C VAL A 461 -15.06 -5.74 -8.57
N GLY A 462 -15.82 -6.31 -7.64
CA GLY A 462 -16.00 -7.79 -7.55
C GLY A 462 -17.44 -8.17 -7.82
N TYR A 463 -17.64 -9.16 -8.68
CA TYR A 463 -18.99 -9.56 -9.01
C TYR A 463 -19.07 -11.09 -9.09
N GLY A 464 -20.00 -11.68 -8.36
CA GLY A 464 -20.10 -13.14 -8.43
C GLY A 464 -20.68 -13.75 -7.17
N PRO A 465 -20.79 -15.08 -7.12
CA PRO A 465 -21.39 -15.72 -5.96
C PRO A 465 -20.64 -15.44 -4.67
N THR A 466 -19.32 -15.31 -4.73
CA THR A 466 -18.57 -15.13 -3.46
C THR A 466 -18.52 -13.67 -3.00
N PHE A 467 -18.82 -12.73 -3.90
CA PHE A 467 -18.84 -11.31 -3.54
C PHE A 467 -20.20 -10.92 -3.01
N LYS A 468 -20.23 -9.83 -2.27
CA LYS A 468 -21.46 -9.31 -1.77
C LYS A 468 -22.28 -8.61 -2.87
N TYR A 469 -23.56 -8.42 -2.57
CA TYR A 469 -24.51 -7.92 -3.52
C TYR A 469 -24.71 -6.44 -3.24
N ARG A 470 -24.67 -5.63 -4.29
CA ARG A 470 -24.85 -4.15 -4.18
C ARG A 470 -24.17 -3.53 -2.99
N THR A 471 -22.87 -3.74 -2.83
CA THR A 471 -22.17 -3.33 -1.60
C THR A 471 -21.04 -2.38 -1.95
N LYS A 472 -20.99 -1.25 -1.27
CA LYS A 472 -19.86 -0.39 -1.42
C LYS A 472 -18.89 -0.70 -0.30
N VAL A 473 -17.60 -0.82 -0.60
CA VAL A 473 -16.66 -1.00 0.49
C VAL A 473 -15.78 0.22 0.49
N PRO A 474 -15.10 0.48 1.62
CA PRO A 474 -14.11 1.58 1.67
C PRO A 474 -12.87 1.34 0.78
N PRO A 475 -12.16 2.42 0.37
CA PRO A 475 -10.94 2.25 -0.38
C PRO A 475 -9.93 1.35 0.34
N PHE A 476 -9.17 0.56 -0.41
CA PHE A 476 -8.14 -0.31 0.20
C PHE A 476 -6.95 -0.38 -0.76
N GLU A 477 -5.86 -1.00 -0.31
CA GLU A 477 -4.66 -1.13 -1.13
C GLU A 477 -4.57 -2.39 -1.93
N ASN A 478 -4.01 -2.29 -3.13
CA ASN A 478 -3.95 -3.45 -3.97
C ASN A 478 -3.10 -4.61 -3.41
N ILE A 479 -2.20 -4.35 -2.46
CA ILE A 479 -1.44 -5.45 -1.81
C ILE A 479 -2.36 -6.45 -1.11
N GLU A 480 -3.61 -6.05 -0.85
CA GLU A 480 -4.60 -6.91 -0.17
C GLU A 480 -5.27 -7.94 -1.09
N LEU A 481 -5.32 -7.72 -2.41
CA LEU A 481 -6.06 -8.62 -3.27
C LEU A 481 -5.55 -10.04 -3.41
N TYR A 482 -4.23 -10.24 -3.41
CA TYR A 482 -3.70 -11.59 -3.61
C TYR A 482 -4.37 -12.53 -2.63
N ASN A 483 -4.39 -12.14 -1.35
CA ASN A 483 -5.03 -12.95 -0.30
C ASN A 483 -6.50 -13.29 -0.69
N VAL A 484 -7.24 -12.27 -1.14
CA VAL A 484 -8.64 -12.44 -1.50
C VAL A 484 -8.81 -13.38 -2.70
N MET A 485 -7.85 -13.34 -3.62
CA MET A 485 -7.94 -14.19 -4.79
C MET A 485 -7.62 -15.63 -4.37
N CYS A 486 -6.74 -15.79 -3.39
CA CYS A 486 -6.49 -17.12 -2.79
C CYS A 486 -7.72 -17.64 -2.08
N ASP A 487 -8.35 -16.81 -1.24
CA ASP A 487 -9.67 -17.13 -0.66
C ASP A 487 -10.71 -17.53 -1.73
N LEU A 488 -10.83 -16.78 -2.81
CA LEU A 488 -11.87 -17.09 -3.79
C LEU A 488 -11.64 -18.43 -4.46
N LEU A 489 -10.44 -18.98 -4.35
CA LEU A 489 -10.13 -20.21 -5.03
C LEU A 489 -9.86 -21.35 -4.05
N GLY A 490 -10.00 -21.09 -2.76
CA GLY A 490 -9.66 -22.08 -1.72
C GLY A 490 -8.18 -22.37 -1.55
N LEU A 491 -7.31 -21.40 -1.88
CA LEU A 491 -5.85 -21.58 -1.81
C LEU A 491 -5.29 -20.98 -0.53
N LYS A 492 -4.16 -21.53 -0.06
CA LYS A 492 -3.43 -20.89 1.04
C LYS A 492 -2.44 -19.87 0.42
N PRO A 493 -2.50 -18.59 0.85
CA PRO A 493 -1.58 -17.61 0.25
C PRO A 493 -0.14 -17.83 0.69
N ALA A 494 0.84 -17.69 -0.20
CA ALA A 494 2.26 -17.53 0.22
C ALA A 494 2.38 -16.33 1.21
N PRO A 495 3.41 -16.29 2.07
CA PRO A 495 3.60 -15.10 2.95
C PRO A 495 3.64 -13.78 2.15
N ASN A 496 2.84 -12.79 2.51
CA ASN A 496 2.80 -11.58 1.71
C ASN A 496 2.50 -10.37 2.58
N ASN A 497 2.33 -9.19 1.96
CA ASN A 497 2.19 -7.91 2.72
C ASN A 497 0.71 -7.50 2.94
N GLY A 498 -0.22 -8.21 2.27
CA GLY A 498 -1.62 -8.12 2.69
C GLY A 498 -1.82 -8.43 4.18
N THR A 499 -2.92 -7.96 4.75
CA THR A 499 -3.28 -8.36 6.11
C THR A 499 -4.51 -9.22 5.94
N HIS A 500 -4.34 -10.53 6.05
CA HIS A 500 -5.37 -11.52 5.64
C HIS A 500 -6.55 -11.48 6.62
N GLY A 501 -7.75 -11.22 6.09
CA GLY A 501 -8.89 -10.89 6.93
C GLY A 501 -9.35 -9.45 6.83
N SER A 502 -8.49 -8.54 6.40
CA SER A 502 -8.84 -7.13 6.37
C SER A 502 -9.85 -6.82 5.23
N LEU A 503 -10.01 -7.75 4.28
CA LEU A 503 -11.01 -7.60 3.21
C LEU A 503 -12.13 -8.63 3.29
N ASN A 504 -12.36 -9.19 4.48
CA ASN A 504 -13.50 -10.08 4.70
C ASN A 504 -14.86 -9.45 4.38
N HIS A 505 -15.01 -8.18 4.65
CA HIS A 505 -16.27 -7.48 4.36
C HIS A 505 -16.56 -7.30 2.87
N LEU A 506 -15.67 -7.76 1.98
CA LEU A 506 -16.04 -7.78 0.57
C LEU A 506 -16.81 -9.06 0.22
N LEU A 507 -16.79 -10.04 1.13
CA LEU A 507 -17.13 -11.39 0.73
C LEU A 507 -18.41 -11.88 1.41
N ARG A 508 -19.25 -12.58 0.63
CA ARG A 508 -20.42 -13.28 1.14
C ARG A 508 -20.01 -14.52 1.97
N THR A 509 -19.02 -15.27 1.51
CA THR A 509 -18.55 -16.48 2.22
C THR A 509 -17.05 -16.61 1.92
N ASN A 510 -16.43 -17.74 2.28
CA ASN A 510 -14.97 -17.99 2.10
C ASN A 510 -14.13 -16.97 2.89
N THR A 511 -14.72 -16.38 3.93
CA THR A 511 -13.96 -15.45 4.71
C THR A 511 -12.80 -16.21 5.41
N PHE A 512 -11.81 -15.46 5.84
CA PHE A 512 -10.66 -16.05 6.50
C PHE A 512 -10.69 -15.42 7.89
N ARG A 513 -10.71 -16.28 8.89
CA ARG A 513 -10.97 -15.86 10.25
C ARG A 513 -9.69 -16.02 11.02
N PRO A 514 -8.88 -14.96 11.07
CA PRO A 514 -7.60 -15.13 11.75
C PRO A 514 -7.77 -14.97 13.26
N THR A 515 -6.79 -15.43 14.03
CA THR A 515 -6.75 -15.22 15.46
C THR A 515 -5.66 -14.17 15.71
N MET A 516 -5.85 -13.37 16.74
CA MET A 516 -4.84 -12.41 17.14
C MET A 516 -3.52 -13.12 17.43
N PRO A 517 -2.39 -12.50 17.09
CA PRO A 517 -1.13 -13.14 17.47
C PRO A 517 -0.96 -13.21 19.00
N ASP A 518 -0.32 -14.27 19.46
CA ASP A 518 -0.08 -14.46 20.87
C ASP A 518 0.97 -13.49 21.37
N GLU A 519 0.76 -12.94 22.56
CA GLU A 519 1.76 -12.10 23.16
C GLU A 519 2.98 -12.97 23.46
N VAL A 520 4.17 -12.48 23.13
CA VAL A 520 5.38 -13.26 23.36
C VAL A 520 6.02 -12.89 24.70
N SER A 521 5.95 -11.64 25.09
CA SER A 521 6.57 -11.25 26.35
C SER A 521 5.53 -10.67 27.26
N ARG A 522 5.51 -11.09 28.50
CA ARG A 522 4.60 -10.47 29.44
C ARG A 522 5.33 -9.36 30.20
N PRO A 523 4.64 -8.27 30.52
CA PRO A 523 5.33 -7.18 31.21
C PRO A 523 5.51 -7.46 32.68
N ASN A 524 6.51 -6.84 33.30
CA ASN A 524 6.58 -6.67 34.75
C ASN A 524 5.77 -5.44 35.15
N TYR A 525 5.33 -5.42 36.40
CA TYR A 525 4.67 -4.26 36.98
C TYR A 525 5.45 -3.83 38.21
N PRO A 526 6.56 -3.08 38.02
CA PRO A 526 7.44 -2.72 39.13
C PRO A 526 6.78 -1.74 40.10
N GLY A 527 7.03 -1.92 41.41
CA GLY A 527 6.58 -0.93 42.39
C GLY A 527 7.74 -0.02 42.73
N ILE A 528 7.58 0.79 43.77
CA ILE A 528 8.65 1.69 44.21
C ILE A 528 9.76 0.87 44.86
N MET A 529 10.96 0.85 44.27
CA MET A 529 12.05 -0.05 44.70
CA MET A 529 12.05 -0.05 44.71
C MET A 529 13.39 0.66 44.87
N TYR A 530 13.41 1.96 44.61
CA TYR A 530 14.68 2.67 44.58
C TYR A 530 14.55 4.02 45.23
N LEU A 531 15.58 4.38 45.97
CA LEU A 531 15.59 5.69 46.64
C LEU A 531 16.20 6.70 45.70
N GLN A 532 15.76 7.94 45.80
CA GLN A 532 16.25 9.05 44.98
C GLN A 532 17.78 9.04 44.90
N SER A 533 18.44 8.87 46.04
CA SER A 533 19.89 9.01 46.12
C SER A 533 20.68 7.90 45.42
N GLU A 534 20.06 6.79 45.04
CA GLU A 534 20.76 5.81 44.19
C GLU A 534 20.94 6.29 42.74
N PHE A 535 20.30 7.39 42.38
CA PHE A 535 20.38 7.84 41.00
C PHE A 535 21.49 8.88 40.80
N ASP A 536 22.49 8.53 40.00
CA ASP A 536 23.49 9.51 39.67
C ASP A 536 23.43 9.79 38.16
N LEU A 537 22.48 10.64 37.78
CA LEU A 537 22.11 10.76 36.38
C LEU A 537 22.48 12.10 35.85
N GLY A 538 22.86 13.02 36.74
CA GLY A 538 23.25 14.37 36.34
C GLY A 538 22.02 15.18 36.02
N CYS A 539 20.88 14.58 36.34
CA CYS A 539 19.59 15.24 36.19
C CYS A 539 19.28 16.05 37.41
N THR A 540 18.55 17.14 37.23
CA THR A 540 18.09 17.91 38.37
C THR A 540 16.63 18.26 38.17
N CYS A 541 15.94 18.48 39.27
CA CYS A 541 14.60 19.04 39.17
C CYS A 541 14.18 19.85 40.40
N ASP A 542 13.45 20.93 40.12
CA ASP A 542 12.90 21.81 41.14
C ASP A 542 11.57 21.28 41.73
N ASP A 543 11.59 20.06 42.26
CA ASP A 543 10.37 19.46 42.81
C ASP A 543 10.37 19.46 44.35
N LYS A 544 9.27 19.96 44.90
CA LYS A 544 9.02 20.09 46.36
C LYS A 544 7.87 21.07 46.54
N ASN A 549 -0.33 14.91 53.34
CA ASN A 549 -1.76 15.03 53.08
C ASN A 549 -2.32 13.67 52.69
N LYS A 550 -3.00 13.02 53.65
CA LYS A 550 -3.45 11.62 53.52
C LYS A 550 -4.60 11.34 52.52
N LEU A 551 -5.54 12.28 52.40
CA LEU A 551 -6.57 12.23 51.34
C LEU A 551 -5.85 12.02 49.98
N GLU A 552 -4.99 12.98 49.64
CA GLU A 552 -4.33 13.04 48.35
C GLU A 552 -3.17 12.03 48.18
N GLU A 553 -2.76 11.39 49.27
CA GLU A 553 -1.69 10.39 49.19
C GLU A 553 -2.19 9.01 48.83
N LEU A 554 -3.35 8.62 49.35
CA LEU A 554 -4.02 7.40 48.90
C LEU A 554 -4.41 7.58 47.44
N ASN A 555 -4.82 8.80 47.13
CA ASN A 555 -5.15 9.21 45.77
C ASN A 555 -4.01 8.91 44.80
N LYS A 556 -2.83 9.52 45.04
CA LYS A 556 -1.67 9.35 44.16
C LYS A 556 -1.24 7.88 43.97
N ARG A 557 -1.19 7.11 45.06
CA ARG A 557 -0.82 5.68 45.05
C ARG A 557 -1.65 4.82 44.09
N LEU A 558 -2.97 5.06 44.07
CA LEU A 558 -3.89 4.34 43.18
C LEU A 558 -3.62 4.66 41.70
N HIS A 559 -3.33 5.92 41.41
CA HIS A 559 -2.94 6.36 40.07
C HIS A 559 -1.72 5.57 39.59
N THR A 560 -0.71 5.50 40.45
CA THR A 560 0.46 4.63 40.25
C THR A 560 0.12 3.14 40.21
N LYS A 561 -0.99 2.72 40.85
CA LYS A 561 -1.46 1.31 40.76
C LYS A 561 -2.30 0.99 39.51
N GLY A 562 -2.67 2.00 38.74
CA GLY A 562 -3.39 1.75 37.50
C GLY A 562 -4.85 2.14 37.55
N SER A 563 -5.20 2.98 38.52
CA SER A 563 -6.60 3.41 38.73
C SER A 563 -7.27 4.14 37.54
N THR A 564 -6.52 4.97 36.82
CA THR A 564 -7.08 5.71 35.67
C THR A 564 -6.74 5.01 34.34
N LYS A 565 -6.20 3.78 34.42
CA LYS A 565 -5.72 3.10 33.21
C LYS A 565 -6.82 2.82 32.18
N GLU A 566 -8.07 2.75 32.63
CA GLU A 566 -9.19 2.50 31.74
C GLU A 566 -9.53 3.74 30.91
N ARG A 567 -9.16 4.91 31.40
CA ARG A 567 -9.27 6.17 30.68
C ARG A 567 -8.19 6.22 29.55
N HIS A 568 -6.96 5.80 29.83
CA HIS A 568 -5.84 6.09 28.95
C HIS A 568 -5.45 4.94 28.07
N LEU A 569 -5.76 3.74 28.53
CA LEU A 569 -5.65 2.55 27.74
C LEU A 569 -7.00 2.01 27.22
N LEU A 570 -7.63 2.68 26.25
CA LEU A 570 -9.00 2.35 25.85
C LEU A 570 -9.21 1.02 25.14
N TYR A 571 -8.17 0.46 24.54
CA TYR A 571 -8.37 -0.68 23.65
C TYR A 571 -7.46 -1.76 24.14
N GLY A 572 -7.10 -1.67 25.43
CA GLY A 572 -6.17 -2.64 26.03
C GLY A 572 -4.73 -2.20 25.81
N ARG A 573 -3.81 -2.80 26.53
CA ARG A 573 -2.43 -2.55 26.25
C ARG A 573 -2.01 -3.31 24.97
N PRO A 574 -1.08 -2.75 24.18
CA PRO A 574 -0.56 -3.43 23.01
C PRO A 574 0.16 -4.72 23.42
N ALA A 575 0.15 -5.72 22.55
CA ALA A 575 0.90 -6.94 22.88
C ALA A 575 2.28 -6.82 22.27
N VAL A 576 3.27 -7.25 23.04
CA VAL A 576 4.65 -7.32 22.56
C VAL A 576 4.84 -8.66 21.92
N LEU A 577 5.13 -8.63 20.62
CA LEU A 577 5.22 -9.85 19.85
C LEU A 577 6.62 -10.43 19.72
N TYR A 578 7.57 -10.01 20.56
CA TYR A 578 8.89 -10.59 20.50
C TYR A 578 9.40 -10.73 21.95
N ARG A 579 10.55 -11.35 22.10
CA ARG A 579 11.16 -11.64 23.40
CA ARG A 579 11.15 -11.61 23.42
C ARG A 579 11.91 -10.40 23.93
N THR A 580 11.47 -9.83 25.05
CA THR A 580 12.16 -8.65 25.57
C THR A 580 11.79 -8.49 27.03
N SER A 581 12.47 -7.61 27.74
CA SER A 581 12.08 -7.28 29.13
C SER A 581 11.50 -5.88 29.21
N TYR A 582 10.28 -5.78 29.70
CA TYR A 582 9.70 -4.47 29.77
C TYR A 582 8.75 -4.33 30.93
N ASP A 583 8.51 -3.09 31.33
CA ASP A 583 7.64 -2.78 32.46
C ASP A 583 6.45 -1.96 32.07
N ILE A 584 5.29 -2.22 32.68
CA ILE A 584 4.18 -1.28 32.58
C ILE A 584 4.30 -0.26 33.69
N LEU A 585 4.25 1.01 33.32
CA LEU A 585 4.25 2.12 34.27
C LEU A 585 2.92 2.91 34.16
N TYR A 586 2.22 3.01 35.28
CA TYR A 586 0.97 3.77 35.34
C TYR A 586 1.18 5.16 35.89
N HIS A 587 0.36 6.08 35.44
CA HIS A 587 0.42 7.47 35.92
C HIS A 587 -0.99 8.01 35.82
N THR A 588 -1.25 9.12 36.49
CA THR A 588 -2.53 9.81 36.39
C THR A 588 -2.97 10.03 34.96
N ASP A 589 -2.10 10.62 34.14
CA ASP A 589 -2.43 11.05 32.76
C ASP A 589 -2.02 10.12 31.59
N PHE A 590 -1.21 9.11 31.84
CA PHE A 590 -0.73 8.22 30.77
C PHE A 590 -0.20 6.91 31.31
N GLU A 591 -0.25 5.90 30.46
CA GLU A 591 0.37 4.61 30.77
C GLU A 591 1.44 4.32 29.73
N SER A 592 2.50 3.67 30.15
CA SER A 592 3.55 3.29 29.22
C SER A 592 4.10 1.88 29.41
N GLY A 593 4.66 1.37 28.33
CA GLY A 593 5.35 0.08 28.35
C GLY A 593 6.80 0.41 28.12
N TYR A 594 7.57 0.35 29.21
CA TYR A 594 8.94 0.86 29.27
C TYR A 594 9.97 -0.25 29.02
N SER A 595 10.82 -0.06 28.02
CA SER A 595 11.81 -1.07 27.64
C SER A 595 13.12 -1.01 28.45
N GLU A 596 13.46 -2.07 29.15
CA GLU A 596 14.71 -2.13 29.93
C GLU A 596 15.92 -2.29 29.00
N ILE A 597 15.69 -2.85 27.83
CA ILE A 597 16.69 -2.96 26.81
C ILE A 597 16.99 -1.60 26.09
N PHE A 598 15.98 -0.86 25.63
CA PHE A 598 16.20 0.36 24.83
C PHE A 598 16.18 1.61 25.71
N LEU A 599 15.87 1.44 26.99
CA LEU A 599 15.89 2.50 28.00
C LEU A 599 14.90 3.64 27.73
N MET A 600 13.75 3.29 27.19
CA MET A 600 12.68 4.24 26.91
C MET A 600 11.39 3.47 26.63
N PRO A 601 10.26 4.18 26.59
CA PRO A 601 9.05 3.44 26.27
C PRO A 601 9.01 2.87 24.87
N LEU A 602 8.39 1.71 24.71
CA LEU A 602 8.05 1.20 23.42
C LEU A 602 6.77 1.92 22.94
N TRP A 603 5.95 2.33 23.90
CA TRP A 603 4.63 2.89 23.63
C TRP A 603 4.24 3.66 24.86
N THR A 604 3.56 4.76 24.63
CA THR A 604 2.98 5.56 25.71
C THR A 604 1.55 5.88 25.27
N SER A 605 0.59 5.71 26.17
CA SER A 605 -0.83 5.83 25.81
C SER A 605 -1.57 6.82 26.69
N TYR A 606 -2.35 7.69 26.07
CA TYR A 606 -3.11 8.68 26.83
C TYR A 606 -4.33 9.18 26.08
N THR A 607 -5.34 9.62 26.84
CA THR A 607 -6.60 10.14 26.29
C THR A 607 -6.74 11.63 26.64
N ILE A 608 -7.09 12.41 25.61
CA ILE A 608 -7.29 13.87 25.66
C ILE A 608 -8.76 14.10 25.27
N SER A 609 -9.56 14.53 26.23
CA SER A 609 -10.97 14.80 25.94
C SER A 609 -11.12 16.15 25.21
N LYS A 610 -12.27 16.37 24.56
CA LYS A 610 -12.60 17.68 23.98
C LYS A 610 -12.42 18.86 24.96
N GLN A 611 -12.79 18.66 26.22
CA GLN A 611 -12.69 19.70 27.28
C GLN A 611 -11.26 20.05 27.67
N ALA A 612 -10.30 19.15 27.42
CA ALA A 612 -8.96 19.27 27.98
C ALA A 612 -8.29 20.58 27.70
N GLU A 613 -7.45 21.01 28.64
CA GLU A 613 -6.76 22.29 28.51
C GLU A 613 -5.25 22.14 28.42
N VAL A 614 -4.70 22.89 27.48
CA VAL A 614 -3.27 23.00 27.28
C VAL A 614 -2.71 24.00 28.29
N SER A 615 -1.74 23.56 29.07
CA SER A 615 -1.01 24.49 29.92
C SER A 615 0.40 24.51 29.38
N SER A 616 1.25 25.32 30.00
CA SER A 616 2.63 25.40 29.57
C SER A 616 3.53 24.86 30.68
N ILE A 617 4.76 24.55 30.33
CA ILE A 617 5.76 24.12 31.29
C ILE A 617 6.09 25.31 32.22
N PRO A 618 5.84 25.15 33.53
CA PRO A 618 6.26 26.15 34.50
C PRO A 618 7.76 26.40 34.46
N GLU A 619 8.17 27.66 34.67
CA GLU A 619 9.59 28.08 34.64
C GLU A 619 10.49 27.25 35.52
N HIS A 620 10.07 27.00 36.76
CA HIS A 620 10.88 26.27 37.70
C HIS A 620 11.15 24.82 37.22
N LEU A 621 10.40 24.39 36.19
CA LEU A 621 10.53 23.04 35.67
C LEU A 621 11.09 22.90 34.25
N THR A 622 11.68 23.95 33.68
CA THR A 622 12.09 23.94 32.25
C THR A 622 13.13 22.87 31.92
N ASN A 623 14.04 22.61 32.84
CA ASN A 623 15.07 21.60 32.57
C ASN A 623 14.99 20.46 33.53
N CYS A 624 13.77 20.25 34.02
CA CYS A 624 13.52 19.26 35.05
C CYS A 624 13.46 17.84 34.44
N VAL A 625 14.30 16.96 34.95
CA VAL A 625 14.19 15.54 34.70
C VAL A 625 14.28 14.85 36.07
N ARG A 626 13.33 13.96 36.34
CA ARG A 626 13.19 13.32 37.65
C ARG A 626 13.43 11.80 37.56
N PRO A 627 14.18 11.23 38.52
CA PRO A 627 14.31 9.78 38.56
C PRO A 627 12.96 9.05 38.80
N ASP A 628 12.84 7.85 38.23
CA ASP A 628 11.65 7.06 38.39
C ASP A 628 11.98 5.93 39.39
N VAL A 629 11.57 6.14 40.63
CA VAL A 629 11.81 5.22 41.76
C VAL A 629 11.29 3.78 41.54
N ARG A 630 10.58 3.54 40.43
CA ARG A 630 10.17 2.17 40.05
C ARG A 630 11.20 1.50 39.13
N VAL A 631 12.12 2.27 38.60
CA VAL A 631 13.01 1.76 37.54
C VAL A 631 14.47 1.96 37.93
N SER A 632 15.23 0.88 37.89
CA SER A 632 16.63 0.90 38.30
C SER A 632 17.49 1.97 37.59
N PRO A 633 18.40 2.66 38.33
CA PRO A 633 19.29 3.60 37.61
C PRO A 633 19.97 2.97 36.38
N GLY A 634 20.31 1.67 36.51
CA GLY A 634 20.91 0.91 35.44
C GLY A 634 20.04 0.67 34.23
N PHE A 635 18.76 0.98 34.31
CA PHE A 635 17.87 0.79 33.19
C PHE A 635 17.28 2.15 32.82
N SER A 636 17.92 3.19 33.32
CA SER A 636 17.41 4.56 33.12
C SER A 636 18.36 5.33 32.21
N GLN A 637 17.83 6.30 31.46
CA GLN A 637 18.68 7.25 30.75
C GLN A 637 19.37 8.17 31.76
N ASN A 638 20.25 9.05 31.30
CA ASN A 638 20.88 10.03 32.19
C ASN A 638 21.08 11.37 31.48
N CYS A 639 21.05 12.47 32.23
CA CYS A 639 21.09 13.82 31.64
C CYS A 639 22.44 14.22 31.18
N LEU A 640 23.47 13.68 31.80
CA LEU A 640 24.85 13.89 31.40
C LEU A 640 25.08 13.51 29.94
N ALA A 641 24.61 12.35 29.53
CA ALA A 641 24.81 11.94 28.15
C ALA A 641 24.31 13.01 27.21
N TYR A 642 23.14 13.59 27.52
CA TYR A 642 22.53 14.64 26.68
C TYR A 642 23.30 15.94 26.73
N LYS A 643 23.88 16.24 27.90
CA LYS A 643 24.65 17.45 28.07
C LYS A 643 25.88 17.30 27.19
N ASN A 644 26.63 16.21 27.39
CA ASN A 644 27.78 15.89 26.55
C ASN A 644 27.50 15.85 25.04
N ASP A 645 26.34 15.32 24.63
CA ASP A 645 26.07 15.15 23.21
C ASP A 645 25.62 16.46 22.65
N LYS A 646 26.55 17.10 21.96
CA LYS A 646 26.30 18.37 21.34
C LYS A 646 25.20 18.36 20.29
N GLN A 647 25.00 17.24 19.58
CA GLN A 647 23.90 17.14 18.61
C GLN A 647 22.53 16.69 19.16
N MET A 648 22.54 15.90 20.21
CA MET A 648 21.30 15.27 20.61
C MET A 648 20.65 16.06 21.75
N SER A 649 19.34 16.29 21.68
CA SER A 649 18.61 16.79 22.83
C SER A 649 17.58 15.70 23.27
N TYR A 650 16.54 16.06 24.01
CA TYR A 650 15.53 15.11 24.46
C TYR A 650 14.14 15.71 24.42
N GLY A 651 13.15 14.85 24.29
CA GLY A 651 11.75 15.26 24.38
C GLY A 651 10.97 14.25 25.23
N PHE A 652 9.67 14.44 25.29
CA PHE A 652 8.83 13.63 26.14
C PHE A 652 7.74 13.03 25.30
N LEU A 653 7.46 11.76 25.55
CA LEU A 653 6.38 11.07 24.84
C LEU A 653 4.99 11.51 25.26
N PHE A 654 4.74 11.51 26.56
CA PHE A 654 3.51 12.13 27.05
C PHE A 654 3.86 13.61 27.20
N PRO A 655 3.14 14.49 26.50
CA PRO A 655 3.49 15.91 26.54
C PRO A 655 3.16 16.54 27.91
N PRO A 656 4.14 17.14 28.60
CA PRO A 656 3.83 17.90 29.81
C PRO A 656 2.71 18.95 29.59
N TYR A 657 2.51 19.44 28.36
CA TYR A 657 1.51 20.47 28.10
C TYR A 657 0.11 20.01 28.38
N LEU A 658 -0.09 18.69 28.33
CA LEU A 658 -1.45 18.17 28.43
C LEU A 658 -1.77 17.54 29.80
N SER A 659 -0.91 17.78 30.78
CA SER A 659 -1.14 17.21 32.12
C SER A 659 -2.46 17.72 32.71
N SER A 660 -3.19 16.87 33.44
CA SER A 660 -4.49 17.26 33.99
C SER A 660 -4.43 18.18 35.21
N SER A 661 -3.30 18.22 35.90
CA SER A 661 -3.16 19.13 37.03
C SER A 661 -1.70 19.50 37.23
N PRO A 662 -1.43 20.61 37.96
CA PRO A 662 -0.06 20.89 38.31
C PRO A 662 0.64 19.75 39.02
N GLU A 663 -0.08 18.97 39.82
CA GLU A 663 0.57 17.84 40.51
C GLU A 663 0.92 16.71 39.54
N ALA A 664 -0.04 16.37 38.68
CA ALA A 664 0.13 15.32 37.67
C ALA A 664 1.27 15.67 36.71
N LYS A 665 1.51 16.97 36.48
CA LYS A 665 2.55 17.39 35.57
C LYS A 665 3.94 16.88 35.93
N TYR A 666 4.23 16.70 37.21
CA TYR A 666 5.53 16.11 37.62
C TYR A 666 5.81 14.72 37.00
N ASP A 667 4.77 13.92 36.79
CA ASP A 667 4.94 12.60 36.15
C ASP A 667 5.52 12.71 34.75
N ALA A 668 5.15 13.79 34.04
CA ALA A 668 5.57 13.97 32.66
C ALA A 668 7.06 14.25 32.53
N PHE A 669 7.68 14.66 33.62
CA PHE A 669 9.10 14.91 33.65
C PHE A 669 9.95 13.73 34.15
N LEU A 670 9.33 12.56 34.24
CA LEU A 670 10.08 11.37 34.71
C LEU A 670 11.01 10.93 33.62
N VAL A 671 12.17 10.45 34.02
CA VAL A 671 13.23 10.07 33.11
C VAL A 671 12.76 8.91 32.22
N THR A 672 11.73 8.22 32.68
CA THR A 672 11.18 7.11 31.92
C THR A 672 10.15 7.60 30.93
N ASN A 673 9.94 8.91 30.80
CA ASN A 673 9.02 9.46 29.80
C ASN A 673 9.79 10.20 28.71
N MET A 674 11.10 10.10 28.77
CA MET A 674 12.02 10.91 28.00
C MET A 674 12.53 10.11 26.83
N VAL A 675 12.75 10.79 25.70
CA VAL A 675 13.33 10.20 24.49
C VAL A 675 14.32 11.13 23.78
N PRO A 676 15.34 10.54 23.11
CA PRO A 676 16.34 11.38 22.42
C PRO A 676 15.73 12.09 21.22
N MET A 677 15.94 13.40 21.13
CA MET A 677 15.47 14.17 19.98
C MET A 677 16.46 15.25 19.54
N TYR A 678 16.74 15.27 18.25
CA TYR A 678 17.49 16.35 17.64
C TYR A 678 16.73 17.64 17.84
N PRO A 679 17.45 18.74 18.16
CA PRO A 679 16.77 20.04 18.21
C PRO A 679 15.90 20.34 16.98
N ALA A 680 16.34 20.02 15.78
CA ALA A 680 15.47 20.29 14.64
C ALA A 680 14.15 19.53 14.75
N PHE A 681 14.20 18.29 15.25
CA PHE A 681 12.98 17.52 15.34
C PHE A 681 12.08 17.97 16.49
N LYS A 682 12.66 18.49 17.55
CA LYS A 682 11.87 19.04 18.67
C LYS A 682 10.90 20.09 18.20
N ARG A 683 11.21 20.79 17.11
CA ARG A 683 10.31 21.84 16.60
C ARG A 683 9.05 21.22 16.11
N VAL A 684 9.22 20.11 15.38
CA VAL A 684 8.12 19.33 14.87
C VAL A 684 7.32 18.73 16.04
N TRP A 685 8.00 18.01 16.93
CA TRP A 685 7.34 17.31 18.03
C TRP A 685 6.55 18.25 18.95
N ALA A 686 7.17 19.37 19.31
CA ALA A 686 6.55 20.35 20.21
C ALA A 686 5.29 20.93 19.62
N TYR A 687 5.30 21.24 18.33
CA TYR A 687 4.09 21.74 17.73
C TYR A 687 3.00 20.66 17.66
N PHE A 688 3.40 19.43 17.36
CA PHE A 688 2.44 18.33 17.38
C PHE A 688 1.82 18.23 18.79
N GLN A 689 2.65 18.25 19.83
CA GLN A 689 2.15 18.06 21.18
C GLN A 689 1.45 19.29 21.80
N ARG A 690 1.97 20.49 21.56
CA ARG A 690 1.36 21.69 22.15
C ARG A 690 0.10 22.16 21.39
N VAL A 691 0.06 21.99 20.06
CA VAL A 691 -0.99 22.56 19.26
C VAL A 691 -1.90 21.48 18.66
N LEU A 692 -1.34 20.55 17.91
CA LEU A 692 -2.16 19.62 17.14
C LEU A 692 -2.96 18.60 17.94
N VAL A 693 -2.37 18.02 18.98
CA VAL A 693 -3.12 16.99 19.74
C VAL A 693 -4.46 17.59 20.22
N LYS A 694 -4.42 18.77 20.84
CA LYS A 694 -5.64 19.42 21.31
CA LYS A 694 -5.63 19.47 21.30
C LYS A 694 -6.57 19.77 20.12
N LYS A 695 -6.00 20.28 19.03
CA LYS A 695 -6.79 20.53 17.82
C LYS A 695 -7.55 19.28 17.39
N TYR A 696 -6.86 18.13 17.34
CA TYR A 696 -7.58 16.90 16.92
C TYR A 696 -8.65 16.51 17.95
N ALA A 697 -8.34 16.67 19.23
CA ALA A 697 -9.31 16.35 20.27
C ALA A 697 -10.57 17.25 20.16
N SER A 698 -10.37 18.52 19.79
CA SER A 698 -11.47 19.46 19.47
C SER A 698 -12.33 18.99 18.30
N GLU A 699 -11.68 18.72 17.16
CA GLU A 699 -12.38 18.28 15.96
C GLU A 699 -12.98 16.88 16.09
N ARG A 700 -12.41 16.00 16.91
CA ARG A 700 -12.84 14.59 16.86
C ARG A 700 -13.63 14.18 18.11
N ASN A 701 -13.81 15.12 19.02
CA ASN A 701 -14.53 14.87 20.25
C ASN A 701 -13.73 13.91 21.16
N GLY A 702 -12.53 14.36 21.53
CA GLY A 702 -11.61 13.52 22.28
C GLY A 702 -10.83 12.63 21.32
N VAL A 703 -9.57 12.36 21.72
CA VAL A 703 -8.72 11.39 21.04
C VAL A 703 -7.96 10.57 22.04
N ASN A 704 -7.73 9.32 21.68
CA ASN A 704 -6.71 8.52 22.35
C ASN A 704 -5.43 8.52 21.49
N VAL A 705 -4.29 8.79 22.13
CA VAL A 705 -3.01 8.80 21.44
C VAL A 705 -2.08 7.70 21.95
N ILE A 706 -1.51 6.91 21.05
CA ILE A 706 -0.33 6.11 21.40
C ILE A 706 0.88 6.57 20.59
N SER A 707 1.93 6.99 21.30
CA SER A 707 3.18 7.43 20.71
C SER A 707 4.34 6.56 21.09
N GLY A 708 5.37 6.51 20.24
CA GLY A 708 6.60 5.87 20.63
C GLY A 708 7.71 6.02 19.61
N PRO A 709 8.86 5.42 19.89
CA PRO A 709 10.02 5.41 19.02
C PRO A 709 9.98 4.24 18.05
N ILE A 710 10.65 4.40 16.92
CA ILE A 710 10.83 3.34 15.93
C ILE A 710 12.31 3.28 15.59
N PHE A 711 12.85 2.07 15.46
CA PHE A 711 14.24 1.91 15.07
C PHE A 711 14.25 1.05 13.84
N ASP A 712 14.56 1.65 12.69
CA ASP A 712 14.68 0.93 11.44
C ASP A 712 15.97 1.38 10.65
N TYR A 713 17.14 1.12 11.25
CA TYR A 713 18.43 1.40 10.65
C TYR A 713 18.76 0.67 9.35
N ASN A 714 18.18 -0.51 9.14
CA ASN A 714 18.41 -1.19 7.87
C ASN A 714 17.24 -1.04 6.88
N TYR A 715 16.34 -0.07 7.17
CA TYR A 715 15.22 0.31 6.30
C TYR A 715 14.50 -0.88 5.63
N ASP A 716 14.19 -1.90 6.43
CA ASP A 716 13.41 -3.05 5.91
C ASP A 716 11.93 -3.00 6.30
N GLY A 717 11.52 -1.93 7.01
CA GLY A 717 10.14 -1.79 7.46
C GLY A 717 9.84 -2.64 8.69
N LEU A 718 10.86 -3.30 9.25
CA LEU A 718 10.73 -4.17 10.42
C LEU A 718 11.54 -3.68 11.61
N ARG A 719 11.03 -3.98 12.78
CA ARG A 719 11.61 -3.60 14.03
C ARG A 719 13.06 -4.08 14.06
N ASP A 720 14.02 -3.19 14.32
CA ASP A 720 15.41 -3.59 14.56
C ASP A 720 15.60 -4.33 15.90
N THR A 721 16.46 -5.35 15.92
CA THR A 721 16.89 -5.91 17.20
C THR A 721 17.98 -4.96 17.69
N GLU A 722 18.46 -5.15 18.91
CA GLU A 722 19.33 -4.14 19.52
C GLU A 722 20.72 -4.07 18.90
N ASP A 723 21.14 -5.14 18.24
CA ASP A 723 22.43 -5.12 17.59
C ASP A 723 22.43 -4.46 16.20
N GLU A 724 21.30 -3.92 15.76
CA GLU A 724 21.18 -3.27 14.46
C GLU A 724 21.20 -1.75 14.55
N ILE A 725 21.31 -1.26 15.78
CA ILE A 725 21.22 0.17 16.05
C ILE A 725 22.56 0.83 15.73
N LYS A 726 22.53 1.83 14.88
CA LYS A 726 23.75 2.44 14.39
C LYS A 726 24.14 3.69 15.17
N GLN A 727 23.22 4.23 15.96
CA GLN A 727 23.51 5.47 16.69
C GLN A 727 22.99 5.49 18.14
N TYR A 728 23.79 6.08 19.03
CA TYR A 728 23.55 6.12 20.48
C TYR A 728 23.85 7.53 20.92
N VAL A 729 23.20 8.02 21.95
CA VAL A 729 23.55 9.31 22.50
C VAL A 729 24.97 9.20 23.07
N GLU A 730 25.82 10.15 22.69
CA GLU A 730 27.25 10.26 23.03
C GLU A 730 27.60 9.61 24.35
N GLY A 731 28.35 8.51 24.31
CA GLY A 731 28.90 7.92 25.54
C GLY A 731 27.92 7.16 26.41
N SER A 732 26.80 6.73 25.83
CA SER A 732 25.80 6.02 26.62
C SER A 732 25.30 4.87 25.83
N SER A 733 24.44 4.08 26.47
CA SER A 733 23.75 2.99 25.80
C SER A 733 22.34 3.37 25.32
N ILE A 734 22.04 4.68 25.30
CA ILE A 734 20.74 5.19 24.84
C ILE A 734 20.67 5.22 23.31
N PRO A 735 19.88 4.31 22.70
CA PRO A 735 19.82 4.23 21.24
C PRO A 735 18.95 5.37 20.64
N VAL A 736 19.24 5.80 19.42
CA VAL A 736 18.54 6.94 18.88
C VAL A 736 17.54 6.37 17.87
N PRO A 737 16.25 6.69 18.03
CA PRO A 737 15.24 6.21 17.08
C PRO A 737 15.45 6.81 15.71
N THR A 738 15.02 6.12 14.66
CA THR A 738 15.03 6.65 13.30
C THR A 738 13.72 7.41 13.07
N HIS A 739 12.71 7.11 13.84
CA HIS A 739 11.40 7.67 13.60
C HIS A 739 10.66 7.74 14.92
N TYR A 740 9.65 8.63 14.96
CA TYR A 740 8.65 8.65 16.03
C TYR A 740 7.27 8.47 15.43
N TYR A 741 6.48 7.55 16.01
CA TYR A 741 5.11 7.30 15.55
C TYR A 741 4.08 7.91 16.51
N SER A 742 2.87 8.17 16.01
CA SER A 742 1.69 8.36 16.85
C SER A 742 0.50 7.77 16.17
N ILE A 743 -0.36 7.16 16.98
CA ILE A 743 -1.63 6.56 16.55
C ILE A 743 -2.72 7.33 17.29
N ILE A 744 -3.60 7.97 16.54
CA ILE A 744 -4.63 8.83 17.11
C ILE A 744 -6.02 8.28 16.81
N THR A 745 -6.66 7.76 17.85
CA THR A 745 -7.95 7.04 17.71
C THR A 745 -9.12 7.82 18.36
N SER A 746 -10.29 7.73 17.75
CA SER A 746 -11.50 8.36 18.24
C SER A 746 -12.71 7.59 17.72
N CYS A 747 -13.90 8.10 18.03
CA CYS A 747 -15.12 7.46 17.60
C CYS A 747 -15.46 7.86 16.18
N LEU A 748 -15.79 6.87 15.35
CA LEU A 748 -16.20 7.17 13.97
C LEU A 748 -17.44 8.08 14.03
N ASP A 749 -18.38 7.73 14.92
CA ASP A 749 -19.49 8.63 15.24
C ASP A 749 -19.03 9.69 16.26
N PHE A 750 -18.59 10.84 15.74
CA PHE A 750 -17.94 11.90 16.51
C PHE A 750 -18.89 12.64 17.46
N THR A 751 -20.15 12.21 17.52
CA THR A 751 -21.07 12.73 18.52
C THR A 751 -20.84 12.01 19.86
N GLN A 752 -20.16 10.86 19.83
CA GLN A 752 -19.73 10.18 21.05
C GLN A 752 -18.28 10.53 21.42
N PRO A 753 -18.01 10.81 22.71
CA PRO A 753 -16.61 11.08 23.10
C PRO A 753 -15.72 9.85 22.92
N ALA A 754 -14.43 10.06 22.69
CA ALA A 754 -13.55 8.93 22.36
C ALA A 754 -13.59 7.85 23.43
N ASP A 755 -13.61 8.23 24.70
CA ASP A 755 -13.65 7.22 25.81
C ASP A 755 -15.04 6.58 26.11
N LYS A 756 -16.07 6.98 25.37
CA LYS A 756 -17.39 6.37 25.55
C LYS A 756 -17.95 6.03 24.19
N CYS A 757 -17.18 5.36 23.36
CA CYS A 757 -17.56 5.13 21.96
C CYS A 757 -18.26 3.79 21.84
N ASP A 758 -19.43 3.75 21.23
CA ASP A 758 -20.19 2.50 21.21
C ASP A 758 -19.98 1.61 19.98
N GLY A 759 -19.50 2.18 18.88
CA GLY A 759 -19.34 1.43 17.62
C GLY A 759 -17.95 1.48 16.98
N PRO A 760 -17.91 1.61 15.64
CA PRO A 760 -16.63 1.65 14.89
C PRO A 760 -15.71 2.82 15.27
N LEU A 761 -14.42 2.63 15.06
CA LEU A 761 -13.42 3.60 15.46
C LEU A 761 -12.96 4.41 14.27
N SER A 762 -12.35 5.55 14.53
CA SER A 762 -11.71 6.28 13.46
C SER A 762 -10.24 6.51 13.83
N VAL A 763 -9.34 6.32 12.87
CA VAL A 763 -7.90 6.40 13.18
C VAL A 763 -7.16 7.22 12.16
N SER A 764 -6.17 7.98 12.60
CA SER A 764 -5.07 8.43 11.71
C SER A 764 -3.72 8.28 12.44
N SER A 765 -2.65 8.11 11.71
CA SER A 765 -1.35 7.80 12.31
C SER A 765 -0.26 8.38 11.49
N PHE A 766 0.91 8.50 12.10
CA PHE A 766 2.06 8.96 11.38
C PHE A 766 3.34 8.28 11.89
N ILE A 767 4.31 8.14 10.98
CA ILE A 767 5.69 7.74 11.28
C ILE A 767 6.63 8.87 10.82
N LEU A 768 7.00 9.75 11.74
CA LEU A 768 7.83 10.92 11.41
C LEU A 768 9.30 10.56 11.44
N PRO A 769 10.06 10.89 10.39
CA PRO A 769 11.49 10.59 10.40
C PRO A 769 12.20 11.47 11.45
N HIS A 770 13.09 10.86 12.22
CA HIS A 770 13.77 11.59 13.27
C HIS A 770 15.07 12.16 12.68
N ARG A 771 14.99 13.36 12.12
CA ARG A 771 16.13 13.93 11.37
C ARG A 771 16.79 15.15 12.04
N PRO A 772 18.13 15.24 11.92
CA PRO A 772 18.86 16.29 12.59
C PRO A 772 18.69 17.64 11.90
N ASP A 773 18.02 17.70 10.75
CA ASP A 773 17.71 19.00 10.16
C ASP A 773 16.27 18.97 9.62
N ASN A 774 15.76 20.10 9.16
CA ASN A 774 14.48 20.14 8.51
C ASN A 774 14.57 20.42 6.98
N ASP A 775 15.63 19.91 6.36
CA ASP A 775 15.86 20.08 4.90
C ASP A 775 14.72 19.59 4.03
N GLU A 776 13.99 18.58 4.52
CA GLU A 776 12.78 18.08 3.84
C GLU A 776 11.68 19.13 3.69
N SER A 777 11.57 20.05 4.64
CA SER A 777 10.55 21.05 4.52
C SER A 777 11.16 22.37 4.06
N CYS A 778 10.91 22.71 2.79
CA CYS A 778 11.47 23.93 2.22
C CYS A 778 11.08 25.21 2.97
N ASN A 779 9.91 25.24 3.60
CA ASN A 779 9.45 26.39 4.41
C ASN A 779 9.74 26.34 5.91
N SER A 780 10.71 25.55 6.34
CA SER A 780 10.92 25.31 7.77
C SER A 780 11.51 26.44 8.59
N SER A 781 12.04 27.47 7.94
CA SER A 781 12.50 28.61 8.71
C SER A 781 11.31 29.54 9.05
N GLU A 782 10.15 29.31 8.45
CA GLU A 782 8.94 29.96 8.91
C GLU A 782 8.38 29.29 10.18
N ASP A 783 7.22 29.77 10.61
CA ASP A 783 6.56 29.26 11.80
C ASP A 783 5.97 27.85 11.61
N GLU A 784 6.19 26.99 12.61
CA GLU A 784 5.68 25.61 12.61
C GLU A 784 4.29 25.46 12.02
N SER A 785 3.44 26.48 12.23
CA SER A 785 2.07 26.47 11.70
C SER A 785 1.99 26.52 10.18
N LYS A 786 3.10 26.82 9.52
CA LYS A 786 3.13 26.87 8.04
C LYS A 786 3.72 25.63 7.36
N TRP A 787 4.25 24.66 8.13
CA TRP A 787 4.96 23.56 7.55
C TRP A 787 4.86 22.26 8.34
N VAL A 788 4.66 22.31 9.65
CA VAL A 788 4.63 21.06 10.41
C VAL A 788 3.52 20.10 9.98
N GLU A 789 2.28 20.57 9.95
CA GLU A 789 1.18 19.71 9.60
C GLU A 789 1.37 19.11 8.18
N GLU A 790 1.94 19.87 7.26
CA GLU A 790 2.22 19.36 5.91
C GLU A 790 3.24 18.21 5.92
N LEU A 791 4.31 18.36 6.71
CA LEU A 791 5.28 17.29 6.88
C LEU A 791 4.60 16.03 7.45
N MET A 792 3.71 16.20 8.43
CA MET A 792 3.00 15.06 9.02
C MET A 792 2.09 14.33 8.04
N LYS A 793 1.35 15.09 7.26
CA LYS A 793 0.55 14.53 6.17
C LYS A 793 1.39 13.72 5.19
N MET A 794 2.59 14.20 4.89
CA MET A 794 3.48 13.46 4.01
C MET A 794 3.86 12.10 4.62
N HIS A 795 3.97 12.05 5.94
CA HIS A 795 4.38 10.85 6.66
C HIS A 795 3.23 10.13 7.39
N THR A 796 2.03 10.30 6.84
CA THR A 796 0.88 9.55 7.26
C THR A 796 1.19 8.03 7.15
N ALA A 797 0.63 7.22 8.06
CA ALA A 797 0.93 5.79 8.12
C ALA A 797 -0.33 4.95 8.43
N ARG A 798 -0.34 3.67 8.09
CA ARG A 798 -1.32 2.68 8.60
C ARG A 798 -0.81 2.20 9.96
N VAL A 799 -1.72 1.89 10.88
CA VAL A 799 -1.33 1.25 12.14
C VAL A 799 -0.51 -0.02 11.84
N ARG A 800 -0.86 -0.73 10.79
CA ARG A 800 -0.16 -1.94 10.39
C ARG A 800 1.36 -1.67 10.07
N ASP A 801 1.66 -0.50 9.47
CA ASP A 801 3.03 -0.10 9.20
C ASP A 801 3.75 0.03 10.57
N ILE A 802 3.12 0.65 11.55
CA ILE A 802 3.71 0.82 12.85
C ILE A 802 3.86 -0.54 13.57
N GLU A 803 2.90 -1.45 13.36
CA GLU A 803 3.05 -2.81 13.93
C GLU A 803 4.31 -3.54 13.40
N HIS A 804 4.57 -3.50 12.09
CA HIS A 804 5.79 -4.13 11.53
C HIS A 804 7.06 -3.50 12.10
N LEU A 805 7.06 -2.17 12.22
CA LEU A 805 8.22 -1.41 12.64
C LEU A 805 8.51 -1.54 14.12
N THR A 806 7.55 -1.99 14.93
CA THR A 806 7.71 -2.00 16.41
C THR A 806 7.56 -3.39 17.02
N GLY A 807 6.95 -4.35 16.31
CA GLY A 807 6.62 -5.68 16.85
C GLY A 807 5.54 -5.64 17.92
N LEU A 808 4.71 -4.60 17.86
CA LEU A 808 3.57 -4.45 18.73
C LEU A 808 2.29 -4.81 18.01
N ASP A 809 1.26 -5.21 18.74
CA ASP A 809 -0.06 -5.48 18.16
C ASP A 809 -1.04 -4.64 18.96
N PHE A 810 -1.74 -3.74 18.26
CA PHE A 810 -2.66 -2.76 18.91
C PHE A 810 -4.11 -3.20 18.84
N TYR A 811 -5.00 -2.46 19.51
CA TYR A 811 -6.46 -2.75 19.56
C TYR A 811 -6.85 -4.20 20.01
N ARG A 812 -6.18 -4.69 21.05
CA ARG A 812 -6.43 -6.08 21.57
C ARG A 812 -7.79 -6.27 22.22
N LYS A 813 -8.30 -5.24 22.89
CA LYS A 813 -9.56 -5.32 23.65
C LYS A 813 -10.52 -4.27 23.19
N THR A 814 -11.25 -4.55 22.14
CA THR A 814 -12.34 -3.68 21.75
C THR A 814 -13.55 -4.58 21.73
N SER A 815 -14.71 -3.99 21.59
CA SER A 815 -15.90 -4.78 21.36
C SER A 815 -16.12 -5.06 19.88
N ARG A 816 -15.17 -4.71 19.02
CA ARG A 816 -15.37 -4.86 17.57
C ARG A 816 -14.87 -6.20 17.05
N SER A 817 -15.42 -6.61 15.93
CA SER A 817 -14.98 -7.84 15.35
C SER A 817 -13.53 -7.70 14.84
N TYR A 818 -12.79 -8.80 14.84
CA TYR A 818 -11.38 -8.74 14.57
C TYR A 818 -11.10 -8.31 13.14
N SER A 819 -11.86 -8.84 12.20
CA SER A 819 -11.81 -8.39 10.83
C SER A 819 -12.02 -6.90 10.71
N GLU A 820 -13.00 -6.37 11.43
CA GLU A 820 -13.19 -4.90 11.36
C GLU A 820 -11.92 -4.17 11.87
N ILE A 821 -11.29 -4.71 12.92
CA ILE A 821 -10.06 -4.13 13.49
C ILE A 821 -8.92 -4.23 12.46
N LEU A 822 -8.82 -5.34 11.73
CA LEU A 822 -7.83 -5.44 10.68
C LEU A 822 -8.01 -4.37 9.59
N THR A 823 -9.23 -4.18 9.08
CA THR A 823 -9.54 -3.09 8.16
C THR A 823 -9.06 -1.74 8.72
N LEU A 824 -9.34 -1.46 10.01
CA LEU A 824 -8.95 -0.23 10.65
C LEU A 824 -7.41 -0.05 10.64
N LYS A 825 -6.69 -1.15 10.89
CA LYS A 825 -5.23 -1.16 11.00
C LYS A 825 -4.56 -0.91 9.65
N THR A 826 -5.27 -1.23 8.57
CA THR A 826 -4.76 -1.04 7.20
C THR A 826 -5.26 0.29 6.61
N TYR A 827 -6.13 1.00 7.32
CA TYR A 827 -6.56 2.33 6.86
C TYR A 827 -5.40 3.29 6.73
N LEU A 828 -5.38 4.05 5.63
CA LEU A 828 -4.42 5.13 5.51
C LEU A 828 -5.13 6.45 5.34
N HIS A 829 -4.92 7.39 6.25
CA HIS A 829 -5.49 8.71 6.04
C HIS A 829 -4.62 9.48 5.02
N THR A 830 -5.16 9.75 3.84
N THR A 830 -5.12 9.60 3.80
CA THR A 830 -4.35 10.26 2.73
CA THR A 830 -4.51 10.53 2.89
C THR A 830 -4.21 11.79 2.65
C THR A 830 -5.30 11.78 3.17
N TYR A 831 -5.18 12.53 3.18
N TYR A 831 -4.67 12.91 2.93
CA TYR A 831 -5.16 14.01 3.11
CA TYR A 831 -5.36 14.16 3.13
C TYR A 831 -5.20 14.55 1.65
C TYR A 831 -5.81 14.70 1.77
N GLU A 832 -5.90 13.82 0.77
CA GLU A 832 -6.19 14.24 -0.60
C GLU A 832 -7.62 14.74 -0.57
N SER A 833 -7.94 15.78 -1.32
CA SER A 833 -9.34 16.27 -1.37
C SER A 833 -10.28 15.24 -2.04
N GLU A 834 -11.56 15.59 -2.21
CA GLU A 834 -12.59 14.63 -2.69
C GLU A 834 -12.40 14.21 -4.15
C1 NAG B . 6.39 -8.16 3.08
C2 NAG B . 7.19 -7.91 4.32
C3 NAG B . 8.51 -8.62 4.15
C4 NAG B . 8.38 -10.10 3.81
C5 NAG B . 7.32 -10.31 2.70
C6 NAG B . 6.99 -11.80 2.50
C7 NAG B . 6.97 -5.84 5.53
C8 NAG B . 7.35 -4.38 5.67
N2 NAG B . 7.50 -6.51 4.50
O3 NAG B . 9.29 -8.44 5.32
O4 NAG B . 9.62 -10.45 3.26
O5 NAG B . 6.16 -9.57 3.04
O6 NAG B . 6.67 -12.30 3.80
O7 NAG B . 6.16 -6.35 6.30
C1 NAG B . 10.28 -11.52 3.93
C2 NAG B . 11.21 -12.18 2.90
C3 NAG B . 11.95 -13.32 3.60
C4 NAG B . 12.64 -12.80 4.86
C5 NAG B . 11.66 -12.02 5.74
C6 NAG B . 12.34 -11.41 6.98
C7 NAG B . 10.33 -12.02 0.59
C8 NAG B . 9.57 -12.75 -0.50
N2 NAG B . 10.50 -12.69 1.72
O3 NAG B . 12.92 -13.80 2.66
O4 NAG B . 13.20 -13.83 5.65
O5 NAG B . 11.05 -11.00 4.99
O6 NAG B . 13.17 -10.34 6.56
O7 NAG B . 10.78 -10.88 0.41
C1 BMA B . 14.55 -14.13 5.27
C2 BMA B . 15.37 -14.37 6.53
C3 BMA B . 16.79 -14.91 6.21
C4 BMA B . 16.80 -16.00 5.12
C5 BMA B . 15.87 -15.68 3.94
C6 BMA B . 15.70 -16.81 2.92
O2 BMA B . 14.60 -15.22 7.36
O3 BMA B . 17.38 -15.45 7.38
O4 BMA B . 18.11 -16.14 4.62
O5 BMA B . 14.59 -15.31 4.44
O6 BMA B . 15.42 -16.09 1.74
C1 MAN B . 15.19 -16.85 0.53
C2 MAN B . 15.10 -15.83 -0.63
C3 MAN B . 13.71 -15.17 -0.73
C4 MAN B . 12.60 -16.20 -0.67
C5 MAN B . 12.77 -17.12 0.55
C6 MAN B . 11.70 -18.22 0.58
O2 MAN B . 15.51 -16.37 -1.87
O3 MAN B . 13.53 -14.34 -1.88
O4 MAN B . 11.36 -15.55 -0.59
O5 MAN B . 14.06 -17.71 0.57
O6 MAN B . 11.56 -18.86 -0.67
C1 MAN B . 14.21 -13.07 -1.75
C2 MAN B . 13.42 -11.91 -2.38
C3 MAN B . 13.26 -12.17 -3.89
C4 MAN B . 14.58 -12.50 -4.56
C5 MAN B . 15.40 -13.50 -3.73
C6 MAN B . 16.80 -13.76 -4.28
O2 MAN B . 14.14 -10.70 -2.20
O3 MAN B . 12.71 -11.04 -4.55
O4 MAN B . 14.26 -13.05 -5.82
O5 MAN B . 15.49 -13.09 -2.37
O6 MAN B . 17.68 -12.80 -3.72
C1 MAN B . 13.62 -9.85 -1.15
C2 MAN B . 14.16 -8.44 -1.37
C3 MAN B . 15.63 -8.37 -0.95
C4 MAN B . 15.76 -8.84 0.52
C5 MAN B . 15.27 -10.29 0.62
C6 MAN B . 15.37 -10.90 2.02
O2 MAN B . 13.44 -7.48 -0.61
O3 MAN B . 15.98 -7.02 -1.08
O4 MAN B . 17.08 -8.69 1.01
O5 MAN B . 13.91 -10.34 0.17
O6 MAN B . 15.13 -12.30 1.98
C1 MAN B . 18.50 -14.68 7.92
C2 MAN B . 19.65 -15.66 8.23
C3 MAN B . 19.26 -16.73 9.27
C4 MAN B . 18.63 -16.08 10.49
C5 MAN B . 17.61 -15.01 10.05
C6 MAN B . 16.82 -14.40 11.20
O2 MAN B . 20.75 -14.96 8.77
O3 MAN B . 20.40 -17.48 9.61
O4 MAN B . 17.98 -17.10 11.23
O5 MAN B . 18.16 -14.03 9.14
O6 MAN B . 15.78 -15.32 11.47
C1 MAN B . 21.91 -15.28 8.00
C2 MAN B . 23.14 -15.07 8.88
C3 MAN B . 23.53 -13.58 8.95
C4 MAN B . 23.30 -12.78 7.65
C5 MAN B . 21.95 -13.13 7.02
C6 MAN B . 21.65 -12.41 5.70
O2 MAN B . 24.17 -15.92 8.40
O3 MAN B . 24.86 -13.37 9.38
O4 MAN B . 23.31 -11.40 7.97
O5 MAN B . 21.95 -14.52 6.79
O6 MAN B . 22.40 -13.03 4.68
C10 XLT C . 2.08 -8.97 -17.45
C10 XLT C . 2.23 -8.92 -17.53
C11 XLT C . 2.23 -9.26 -16.09
C11 XLT C . 2.37 -9.21 -16.18
C13 XLT C . -0.07 -9.49 -15.82
C13 XLT C . 0.07 -9.46 -15.91
C16 XLT C . -0.90 -10.00 -13.62
C16 XLT C . -0.77 -9.97 -13.73
C17 XLT C . -2.30 -10.16 -12.99
C17 XLT C . -2.17 -10.14 -13.09
C18 XLT C . -2.18 -10.61 -11.52
C18 XLT C . -2.03 -10.56 -11.62
C19 XLT C . -3.60 -10.77 -10.94
C19 XLT C . -3.44 -10.71 -11.01
C21 XLT C . -4.44 -9.03 -12.38
C21 XLT C . -4.30 -9.03 -12.48
C22 XLT C . -3.05 -8.82 -12.99
C22 XLT C . -2.93 -8.82 -13.11
C23 XLT C . 3.55 -9.32 -15.42
C23 XLT C . 3.68 -9.29 -15.51
C24 XLT C . 3.66 -8.97 -13.95
C24 XLT C . 3.78 -8.93 -14.03
C25 XLT C . 3.85 -10.41 -14.40
C25 XLT C . 3.96 -10.38 -14.48
C27 XLT C . 3.38 -4.88 -22.54
C27 XLT C . 3.63 -4.85 -22.59
C1 XLT C . 1.02 -6.52 -19.38
C1 XLT C . 1.16 -6.46 -19.46
C2 XLT C . 2.44 -6.12 -19.08
C2 XLT C . 2.60 -6.07 -19.12
C3 XLT C . 3.32 -5.80 -20.29
C3 XLT C . 3.48 -5.72 -20.33
C4 XLT C . 2.85 -6.10 -21.76
C4 XLT C . 3.05 -6.04 -21.81
C5 XLT C . 1.37 -6.27 -22.07
C5 XLT C . 1.56 -6.18 -22.13
C6 XLT C . 0.81 -7.61 -21.58
C6 XLT C . 0.99 -7.54 -21.66
N7 XLT C . 0.98 -7.76 -20.13
N7 XLT C . 1.13 -7.69 -20.21
C8 XLT C . 0.65 -8.91 -19.48
C8 XLT C . 0.79 -8.85 -19.58
C9 XLT C . 0.77 -8.99 -17.99
C9 XLT C . 0.92 -8.94 -18.08
N12 XLT C . 1.18 -9.53 -15.27
N12 XLT C . 1.32 -9.49 -15.36
C14 XLT C . -0.36 -9.22 -17.18
C14 XLT C . -0.22 -9.18 -17.28
O15 XLT C . -1.13 -9.70 -15.02
O15 XLT C . -0.99 -9.67 -15.13
O20 XLT C . -4.36 -9.55 -11.05
O20 XLT C . -4.20 -9.50 -11.14
O26 XLT C . 0.29 -9.88 -20.15
O26 XLT C . 0.43 -9.81 -20.24
N28 XLT C . 3.41 -3.80 -21.55
N28 XLT C . 3.62 -3.72 -21.63
C29 XLT C . 3.68 -4.30 -20.22
C29 XLT C . 3.76 -4.20 -20.26
C30 XLT C . 3.24 -2.46 -21.89
C30 XLT C . 3.52 -2.40 -22.02
C31 XLT C . 3.30 -1.46 -20.74
C31 XLT C . 3.50 -1.35 -20.89
C32 XLT C . 3.65 -0.07 -21.29
C32 XLT C . 3.88 0.03 -21.45
C33 XLT C . 3.37 0.94 -20.25
C33 XLT C . 3.51 1.09 -20.46
C34 XLT C . 2.69 2.12 -20.28
C34 XLT C . 2.32 1.50 -19.95
N35 XLT C . 2.75 2.65 -18.97
N35 XLT C . 2.62 2.61 -19.10
C36 XLT C . 3.49 1.73 -18.17
C36 XLT C . 4.01 2.82 -19.14
O37 XLT C . 3.88 0.69 -18.97
O37 XLT C . 4.56 1.88 -19.97
O38 XLT C . 3.80 1.74 -17.00
O38 XLT C . 4.72 3.63 -18.60
O39 XLT C . 3.07 -2.13 -23.08
O39 XLT C . 3.46 -2.10 -23.23
CL CL D . 10.86 3.04 -13.39
C ACT E . 2.52 15.02 -5.22
O ACT E . 1.94 15.09 -4.11
OXT ACT E . 2.21 15.82 -6.15
CH3 ACT E . 3.58 13.97 -5.45
K K F . 22.64 18.04 23.93
NA NA G . -8.76 -25.48 -0.08
ZN ZN H . 1.37 3.80 -18.87
NA NA I . 14.13 23.40 5.63
CA CA J . 14.71 -2.95 10.55
#